data_5AQI
#
_entry.id   5AQI
#
_cell.length_a   229.200
_cell.length_b   41.120
_cell.length_c   115.970
_cell.angle_alpha   90.00
_cell.angle_beta   90.58
_cell.angle_gamma   90.00
#
_symmetry.space_group_name_H-M   'C 1 2 1'
#
loop_
_entity.id
_entity.type
_entity.pdbx_description
1 polymer 'HEAT SHOCK COGNATE 71 KDA PROTEIN'
2 polymer 'BAG FAMILY MOLECULAR CHAPERONE REGULATOR 1'
3 non-polymer 'DIMETHYL SULFOXIDE'
4 non-polymer GLYCEROL
5 non-polymer ADENINE
6 water water
#
loop_
_entity_poly.entity_id
_entity_poly.type
_entity_poly.pdbx_seq_one_letter_code
_entity_poly.pdbx_strand_id
1 'polypeptide(L)'
;GPLGSMSKGPAVGIDLGTTYSCVGVFQHGKVEIIANDQGNRTTPSYVAFTDTERLIGDAAKNQVAMNPTNTVFDAKRLIG
RRFDDAVVQSDMKHWPFMVVNDAGRPKVQVEYKGETKSFYPEEVSSMVLTKMKEIAEAYLGKTVTNAVVTVPAYFNDSQR
QATKDAGTIAGLNVLRIINEPTAAAIAYGLDKKVGAERNVLIFDLGGGTFDVSILTIEDGIFEVKSTAGDTHLGGEDFDN
RMVNHFIAEFKRKHKKDISENKRAVRRLRTACERAKRTLSSSTQASIEIDSLYEGIDFYTSITRARFEELNADLFRGTLD
PVEKALRDAKLDKSQIHDIVLVGGSTRIPKIQKLLQDFFNGKELNKSINPDEAVAYGAAVQAAILS
;
A,C
2 'polypeptide(L)'
;GPLGSNSPQEEVELKKLKHLEKSVEKIADQLEELNKELTGIQQGFLPKDLQAEALCKLDRRVKATIEQFMKILEEIDTLI
LPENFKDSRLKRKGLVKKVQAFLAECDTVEQNICQETE
;
B,D
#
# COMPACT_ATOMS: atom_id res chain seq x y z
N MET A 6 -27.09 31.45 -13.32
CA MET A 6 -25.91 30.70 -12.90
C MET A 6 -24.61 31.41 -13.28
N SER A 7 -23.66 31.47 -12.33
CA SER A 7 -22.36 32.11 -12.55
C SER A 7 -21.49 31.26 -13.48
N LYS A 8 -20.45 31.87 -14.10
CA LYS A 8 -19.51 31.18 -15.01
C LYS A 8 -18.67 30.19 -14.22
N GLY A 9 -18.51 28.98 -14.77
CA GLY A 9 -17.76 27.92 -14.10
C GLY A 9 -16.35 27.68 -14.58
N PRO A 10 -15.66 26.68 -13.98
CA PRO A 10 -14.28 26.38 -14.43
C PRO A 10 -14.28 25.49 -15.69
N ALA A 11 -13.10 25.13 -16.20
CA ALA A 11 -12.98 24.24 -17.36
C ALA A 11 -12.97 22.81 -16.83
N VAL A 12 -13.50 21.84 -17.61
CA VAL A 12 -13.53 20.43 -17.18
C VAL A 12 -12.72 19.49 -18.09
N GLY A 13 -12.41 18.31 -17.57
CA GLY A 13 -11.75 17.26 -18.30
C GLY A 13 -12.79 16.16 -18.51
N ILE A 14 -12.93 15.67 -19.74
CA ILE A 14 -13.90 14.61 -20.09
C ILE A 14 -13.20 13.45 -20.78
N ASP A 15 -13.49 12.25 -20.29
CA ASP A 15 -13.00 11.02 -20.87
C ASP A 15 -14.21 10.41 -21.56
N LEU A 16 -14.23 10.47 -22.88
CA LEU A 16 -15.32 9.96 -23.70
C LEU A 16 -14.97 8.51 -24.09
N GLY A 17 -15.42 7.56 -23.26
CA GLY A 17 -15.13 6.14 -23.42
C GLY A 17 -16.14 5.41 -24.29
N THR A 18 -15.80 4.17 -24.66
CA THR A 18 -16.67 3.31 -25.50
C THR A 18 -17.97 2.82 -24.78
N THR A 19 -17.89 2.54 -23.45
CA THR A 19 -19.00 2.02 -22.61
C THR A 19 -19.49 3.03 -21.55
N TYR A 20 -18.55 3.82 -21.04
CA TYR A 20 -18.79 4.86 -20.02
C TYR A 20 -17.90 6.09 -20.23
N SER A 21 -18.44 7.27 -19.98
CA SER A 21 -17.71 8.51 -20.06
C SER A 21 -17.62 9.06 -18.63
N CYS A 22 -16.53 9.79 -18.34
CA CYS A 22 -16.21 10.33 -17.04
C CYS A 22 -15.79 11.80 -17.15
N VAL A 23 -16.23 12.63 -16.19
CA VAL A 23 -15.93 14.07 -16.16
C VAL A 23 -15.33 14.46 -14.79
N GLY A 24 -14.26 15.26 -14.83
CA GLY A 24 -13.61 15.74 -13.64
C GLY A 24 -13.32 17.23 -13.64
N VAL A 25 -13.24 17.85 -12.46
CA VAL A 25 -12.88 19.25 -12.34
C VAL A 25 -11.74 19.44 -11.31
N PHE A 26 -10.77 20.33 -11.65
CA PHE A 26 -9.66 20.65 -10.78
C PHE A 26 -10.10 21.78 -9.85
N GLN A 27 -10.19 21.51 -8.56
CA GLN A 27 -10.54 22.53 -7.59
C GLN A 27 -9.88 22.26 -6.24
N HIS A 28 -9.51 23.32 -5.53
CA HIS A 28 -8.87 23.19 -4.22
C HIS A 28 -7.59 22.37 -4.27
N GLY A 29 -6.81 22.54 -5.33
CA GLY A 29 -5.56 21.82 -5.52
C GLY A 29 -5.67 20.30 -5.57
N LYS A 30 -6.73 19.81 -6.18
CA LYS A 30 -6.98 18.37 -6.33
C LYS A 30 -8.07 18.18 -7.38
N VAL A 31 -8.06 17.03 -8.10
CA VAL A 31 -9.10 16.71 -9.09
C VAL A 31 -10.29 16.02 -8.42
N GLU A 32 -11.48 16.55 -8.67
CA GLU A 32 -12.75 16.03 -8.20
C GLU A 32 -13.44 15.38 -9.40
N ILE A 33 -13.83 14.12 -9.29
CA ILE A 33 -14.52 13.40 -10.37
C ILE A 33 -15.99 13.60 -10.06
N ILE A 34 -16.77 14.10 -11.01
CA ILE A 34 -18.16 14.42 -10.70
C ILE A 34 -19.11 13.24 -10.87
N ALA A 35 -19.95 13.04 -9.86
CA ALA A 35 -20.98 12.01 -9.86
C ALA A 35 -22.22 12.61 -10.51
N ASN A 36 -22.94 11.81 -11.27
CA ASN A 36 -24.14 12.27 -11.97
C ASN A 36 -25.40 12.31 -11.10
N ASP A 37 -26.54 12.58 -11.72
CA ASP A 37 -27.82 12.69 -11.02
C ASP A 37 -28.12 11.42 -10.27
N GLN A 38 -27.64 10.30 -10.77
CA GLN A 38 -27.84 9.00 -10.14
C GLN A 38 -26.74 8.65 -9.13
N GLY A 39 -25.85 9.61 -8.86
CA GLY A 39 -24.73 9.48 -7.93
C GLY A 39 -23.59 8.63 -8.46
N ASN A 40 -23.59 8.36 -9.79
CA ASN A 40 -22.55 7.54 -10.41
C ASN A 40 -21.39 8.42 -10.94
N ARG A 41 -20.15 8.09 -10.54
CA ARG A 41 -18.92 8.82 -10.92
C ARG A 41 -18.57 8.68 -12.43
N THR A 42 -19.11 7.65 -13.12
CA THR A 42 -18.99 7.40 -14.58
C THR A 42 -20.41 7.20 -15.14
N THR A 43 -20.65 7.72 -16.36
CA THR A 43 -21.97 7.69 -17.04
C THR A 43 -21.94 6.85 -18.35
N PRO A 44 -22.89 5.88 -18.50
CA PRO A 44 -22.92 5.08 -19.74
C PRO A 44 -22.91 5.88 -21.05
N SER A 45 -22.16 5.40 -22.06
CA SER A 45 -22.05 6.03 -23.37
C SER A 45 -23.22 5.52 -24.23
N TYR A 46 -24.43 5.78 -23.74
CA TYR A 46 -25.73 5.33 -24.26
C TYR A 46 -26.68 6.48 -24.56
N VAL A 47 -27.37 6.43 -25.72
CA VAL A 47 -28.42 7.37 -26.14
C VAL A 47 -29.59 6.53 -26.71
N ALA A 48 -30.76 6.63 -26.06
CA ALA A 48 -31.94 5.86 -26.40
C ALA A 48 -33.05 6.76 -26.92
N PHE A 49 -33.65 6.34 -28.05
CA PHE A 49 -34.75 7.09 -28.68
C PHE A 49 -36.05 6.36 -28.47
N THR A 50 -37.07 7.10 -28.00
CA THR A 50 -38.38 6.50 -27.74
C THR A 50 -39.48 7.17 -28.56
N ASP A 51 -40.71 6.77 -28.27
CA ASP A 51 -41.91 7.33 -28.87
C ASP A 51 -42.08 8.76 -28.43
N THR A 52 -41.79 9.01 -27.16
CA THR A 52 -41.95 10.35 -26.58
C THR A 52 -40.71 11.17 -26.19
N GLU A 53 -39.55 10.55 -26.01
CA GLU A 53 -38.37 11.33 -25.62
C GLU A 53 -36.99 10.75 -25.96
N ARG A 54 -35.95 11.51 -25.62
CA ARG A 54 -34.56 11.13 -25.87
C ARG A 54 -33.87 10.93 -24.50
N LEU A 55 -33.33 9.73 -24.26
CA LEU A 55 -32.67 9.38 -23.00
C LEU A 55 -31.17 9.22 -23.19
N ILE A 56 -30.34 9.81 -22.30
CA ILE A 56 -28.86 9.80 -22.36
C ILE A 56 -28.28 9.33 -21.02
N GLY A 57 -27.21 8.54 -21.08
CA GLY A 57 -26.55 8.05 -19.89
C GLY A 57 -27.26 6.90 -19.21
N ASP A 58 -27.41 7.01 -17.91
CA ASP A 58 -28.05 5.97 -17.13
C ASP A 58 -29.47 5.63 -17.59
N ALA A 59 -30.29 6.65 -17.80
CA ALA A 59 -31.70 6.42 -18.23
C ALA A 59 -31.82 5.73 -19.62
N ALA A 60 -30.77 5.79 -20.41
CA ALA A 60 -30.76 5.14 -21.72
C ALA A 60 -30.31 3.71 -21.54
N LYS A 61 -29.32 3.52 -20.68
CA LYS A 61 -28.79 2.20 -20.37
C LYS A 61 -29.84 1.35 -19.71
N ASN A 62 -30.62 1.98 -18.84
CA ASN A 62 -31.65 1.30 -18.09
C ASN A 62 -32.78 0.68 -18.92
N GLN A 63 -33.21 1.37 -19.96
CA GLN A 63 -34.29 0.87 -20.82
C GLN A 63 -33.87 -0.04 -21.97
N VAL A 64 -32.55 -0.20 -22.20
CA VAL A 64 -32.04 -1.05 -23.27
C VAL A 64 -32.83 -2.34 -23.49
N ALA A 65 -32.91 -3.19 -22.47
CA ALA A 65 -33.71 -4.43 -22.57
C ALA A 65 -35.14 -4.22 -23.12
N MET A 66 -35.80 -3.07 -22.81
CA MET A 66 -37.16 -2.77 -23.27
C MET A 66 -37.18 -2.33 -24.72
N ASN A 67 -36.15 -1.58 -25.09
CA ASN A 67 -35.96 -1.01 -26.43
C ASN A 67 -34.53 -1.21 -26.98
N PRO A 68 -34.18 -2.42 -27.39
CA PRO A 68 -32.83 -2.69 -27.93
C PRO A 68 -32.45 -2.10 -29.31
N THR A 69 -33.42 -1.81 -30.17
CA THR A 69 -33.18 -1.37 -31.55
C THR A 69 -32.88 0.12 -31.66
N ASN A 70 -33.46 0.92 -30.74
CA ASN A 70 -33.37 2.37 -30.68
C ASN A 70 -32.47 2.87 -29.51
N THR A 71 -31.67 1.97 -28.97
CA THR A 71 -30.69 2.29 -27.94
C THR A 71 -29.34 2.18 -28.60
N VAL A 72 -28.61 3.29 -28.67
CA VAL A 72 -27.30 3.36 -29.32
C VAL A 72 -26.19 3.50 -28.27
N PHE A 73 -25.13 2.74 -28.51
CA PHE A 73 -23.89 2.68 -27.74
C PHE A 73 -22.78 2.32 -28.71
N ASP A 74 -21.52 2.48 -28.32
CA ASP A 74 -20.39 2.13 -29.18
C ASP A 74 -20.17 3.07 -30.37
N ALA A 75 -20.67 4.29 -30.27
CA ALA A 75 -20.52 5.26 -31.34
C ALA A 75 -19.04 5.55 -31.60
N LYS A 76 -18.25 5.51 -30.53
CA LYS A 76 -16.80 5.75 -30.56
C LYS A 76 -16.09 4.81 -31.53
N ARG A 77 -16.67 3.61 -31.76
CA ARG A 77 -16.17 2.59 -32.69
C ARG A 77 -16.46 3.02 -34.13
N LEU A 78 -17.49 3.88 -34.31
CA LEU A 78 -17.93 4.38 -35.63
C LEU A 78 -17.38 5.77 -35.94
N ILE A 79 -17.06 6.57 -34.90
CA ILE A 79 -16.61 7.96 -35.01
C ILE A 79 -15.34 8.10 -35.89
N GLY A 80 -15.44 9.00 -36.87
CA GLY A 80 -14.37 9.25 -37.83
C GLY A 80 -14.08 8.13 -38.82
N ARG A 81 -14.85 7.03 -38.79
CA ARG A 81 -14.64 5.91 -39.71
C ARG A 81 -15.58 5.98 -40.92
N ARG A 82 -15.12 5.46 -42.08
CA ARG A 82 -15.89 5.33 -43.32
C ARG A 82 -16.76 4.08 -43.16
N PHE A 83 -17.87 3.95 -43.92
CA PHE A 83 -18.77 2.79 -43.81
C PHE A 83 -18.02 1.49 -44.15
N ASP A 84 -17.19 1.54 -45.21
CA ASP A 84 -16.42 0.41 -45.74
C ASP A 84 -15.20 0.02 -44.89
N ASP A 85 -15.01 0.66 -43.72
CA ASP A 85 -13.90 0.32 -42.82
C ASP A 85 -14.12 -1.11 -42.29
N ALA A 86 -13.05 -1.92 -42.27
CA ALA A 86 -13.07 -3.32 -41.80
C ALA A 86 -13.65 -3.46 -40.40
N VAL A 87 -13.36 -2.48 -39.51
CA VAL A 87 -13.82 -2.38 -38.12
C VAL A 87 -15.35 -2.11 -38.07
N VAL A 88 -15.86 -1.20 -38.94
CA VAL A 88 -17.28 -0.82 -39.05
C VAL A 88 -18.15 -2.03 -39.42
N GLN A 89 -17.78 -2.75 -40.51
CA GLN A 89 -18.52 -3.93 -41.01
C GLN A 89 -18.44 -5.11 -40.05
N SER A 90 -17.35 -5.17 -39.27
CA SER A 90 -17.09 -6.24 -38.32
C SER A 90 -17.99 -6.14 -37.10
N ASP A 91 -18.16 -4.92 -36.59
CA ASP A 91 -18.87 -4.57 -35.37
C ASP A 91 -20.37 -4.48 -35.50
N MET A 92 -20.90 -3.92 -36.61
CA MET A 92 -22.35 -3.76 -36.82
C MET A 92 -23.09 -5.10 -36.80
N LYS A 93 -22.37 -6.24 -36.97
CA LYS A 93 -22.90 -7.59 -36.89
C LYS A 93 -23.28 -7.97 -35.44
N HIS A 94 -22.75 -7.23 -34.47
CA HIS A 94 -23.02 -7.49 -33.06
C HIS A 94 -23.87 -6.42 -32.34
N TRP A 95 -24.34 -5.45 -33.10
CA TRP A 95 -25.16 -4.35 -32.59
C TRP A 95 -26.64 -4.60 -32.87
N PRO A 96 -27.54 -4.31 -31.91
CA PRO A 96 -28.98 -4.51 -32.18
C PRO A 96 -29.62 -3.34 -32.94
N PHE A 97 -28.80 -2.27 -33.20
CA PHE A 97 -29.18 -1.05 -33.93
C PHE A 97 -28.66 -1.04 -35.34
N MET A 98 -29.37 -0.36 -36.25
CA MET A 98 -29.01 -0.24 -37.65
C MET A 98 -27.89 0.78 -37.88
N VAL A 99 -27.03 0.50 -38.84
CA VAL A 99 -25.95 1.37 -39.31
C VAL A 99 -26.12 1.39 -40.82
N VAL A 100 -26.29 2.58 -41.40
CA VAL A 100 -26.50 2.72 -42.83
C VAL A 100 -25.39 3.51 -43.52
N ASN A 101 -25.22 3.28 -44.82
CA ASN A 101 -24.21 3.97 -45.60
C ASN A 101 -24.84 5.23 -46.14
N ASP A 102 -24.31 6.38 -45.74
CA ASP A 102 -24.78 7.67 -46.23
C ASP A 102 -23.54 8.36 -46.82
N ALA A 103 -23.41 8.28 -48.16
CA ALA A 103 -22.29 8.81 -48.95
C ALA A 103 -20.91 8.34 -48.46
N GLY A 104 -20.84 7.08 -48.01
CA GLY A 104 -19.60 6.47 -47.50
C GLY A 104 -19.40 6.68 -46.01
N ARG A 105 -20.29 7.45 -45.38
CA ARG A 105 -20.26 7.78 -43.95
C ARG A 105 -21.27 6.89 -43.24
N PRO A 106 -20.93 6.27 -42.08
CA PRO A 106 -21.93 5.47 -41.39
C PRO A 106 -22.89 6.39 -40.62
N LYS A 107 -24.10 5.88 -40.34
CA LYS A 107 -25.13 6.61 -39.62
C LYS A 107 -25.99 5.61 -38.90
N VAL A 108 -26.30 5.87 -37.64
CA VAL A 108 -27.16 4.93 -36.94
C VAL A 108 -28.59 5.17 -37.41
N GLN A 109 -29.40 4.12 -37.51
CA GLN A 109 -30.78 4.27 -37.91
C GLN A 109 -31.71 3.71 -36.85
N VAL A 110 -32.44 4.62 -36.22
CA VAL A 110 -33.36 4.39 -35.12
C VAL A 110 -34.80 4.81 -35.48
N GLU A 111 -35.74 4.51 -34.56
CA GLU A 111 -37.15 4.90 -34.66
C GLU A 111 -37.36 5.87 -33.50
N TYR A 112 -37.44 7.16 -33.81
CA TYR A 112 -37.59 8.22 -32.80
C TYR A 112 -38.86 9.00 -33.01
N LYS A 113 -39.77 8.96 -32.01
CA LYS A 113 -41.08 9.62 -32.02
C LYS A 113 -41.93 9.22 -33.25
N GLY A 114 -41.86 7.93 -33.60
CA GLY A 114 -42.62 7.32 -34.70
C GLY A 114 -42.05 7.50 -36.09
N GLU A 115 -40.93 8.23 -36.19
CA GLU A 115 -40.24 8.54 -37.44
C GLU A 115 -38.86 7.87 -37.51
N THR A 116 -38.44 7.48 -38.75
CA THR A 116 -37.14 6.87 -39.00
C THR A 116 -36.12 7.98 -39.04
N LYS A 117 -35.23 7.99 -38.06
CA LYS A 117 -34.22 9.01 -37.87
C LYS A 117 -32.81 8.41 -37.97
N SER A 118 -31.94 9.08 -38.74
CA SER A 118 -30.57 8.66 -38.91
C SER A 118 -29.65 9.74 -38.34
N PHE A 119 -28.62 9.32 -37.54
CA PHE A 119 -27.68 10.24 -36.91
C PHE A 119 -26.23 9.86 -37.18
N TYR A 120 -25.38 10.87 -37.48
CA TYR A 120 -23.93 10.67 -37.65
C TYR A 120 -23.32 10.32 -36.30
N PRO A 121 -22.21 9.50 -36.26
CA PRO A 121 -21.61 9.11 -34.96
C PRO A 121 -21.25 10.23 -33.96
N GLU A 122 -20.88 11.42 -34.45
CA GLU A 122 -20.51 12.59 -33.65
C GLU A 122 -21.71 13.28 -32.97
N GLU A 123 -22.91 13.16 -33.58
CA GLU A 123 -24.17 13.69 -33.08
C GLU A 123 -24.56 12.84 -31.88
N VAL A 124 -24.29 11.50 -31.94
CA VAL A 124 -24.58 10.59 -30.83
C VAL A 124 -23.59 10.95 -29.70
N SER A 125 -22.28 10.96 -30.02
CA SER A 125 -21.22 11.30 -29.09
C SER A 125 -21.40 12.71 -28.48
N SER A 126 -22.06 13.64 -29.19
CA SER A 126 -22.35 15.00 -28.69
C SER A 126 -23.44 14.99 -27.62
N MET A 127 -24.46 14.16 -27.80
CA MET A 127 -25.54 14.07 -26.84
C MET A 127 -24.95 13.56 -25.53
N VAL A 128 -24.01 12.62 -25.62
CA VAL A 128 -23.34 12.07 -24.46
C VAL A 128 -22.49 13.16 -23.77
N LEU A 129 -21.82 13.98 -24.58
CA LEU A 129 -20.99 15.06 -24.07
C LEU A 129 -21.84 16.12 -23.36
N THR A 130 -23.02 16.38 -23.90
CA THR A 130 -23.91 17.37 -23.29
C THR A 130 -24.24 16.88 -21.90
N LYS A 131 -24.43 15.58 -21.78
CA LYS A 131 -24.75 14.98 -20.49
C LYS A 131 -23.61 15.22 -19.51
N MET A 132 -22.38 15.06 -19.99
CA MET A 132 -21.22 15.28 -19.14
C MET A 132 -21.14 16.74 -18.73
N LYS A 133 -21.43 17.63 -19.68
CA LYS A 133 -21.43 19.06 -19.42
C LYS A 133 -22.48 19.41 -18.38
N GLU A 134 -23.66 18.81 -18.51
CA GLU A 134 -24.77 19.02 -17.57
C GLU A 134 -24.48 18.50 -16.17
N ILE A 135 -23.83 17.34 -16.09
CA ILE A 135 -23.46 16.70 -14.83
C ILE A 135 -22.63 17.65 -13.97
N ALA A 136 -21.71 18.35 -14.61
CA ALA A 136 -20.82 19.32 -14.00
C ALA A 136 -21.55 20.58 -13.61
N GLU A 137 -22.45 21.06 -14.50
CA GLU A 137 -23.26 22.25 -14.27
C GLU A 137 -24.19 22.09 -13.07
N ALA A 138 -24.76 20.87 -12.89
CA ALA A 138 -25.62 20.49 -11.77
C ALA A 138 -24.85 20.49 -10.43
N TYR A 139 -23.61 19.92 -10.40
CA TYR A 139 -22.74 19.79 -9.23
C TYR A 139 -22.17 21.13 -8.74
N LEU A 140 -21.56 21.89 -9.64
CA LEU A 140 -20.92 23.16 -9.31
C LEU A 140 -21.90 24.31 -9.12
N GLY A 141 -23.07 24.22 -9.77
CA GLY A 141 -24.10 25.26 -9.78
C GLY A 141 -23.59 26.40 -10.66
N LYS A 142 -22.79 26.05 -11.68
CA LYS A 142 -22.13 26.96 -12.61
C LYS A 142 -22.22 26.48 -14.05
N THR A 143 -22.21 27.39 -15.04
CA THR A 143 -22.30 27.04 -16.46
C THR A 143 -20.93 26.62 -16.97
N VAL A 144 -20.81 25.36 -17.40
CA VAL A 144 -19.58 24.75 -17.94
C VAL A 144 -19.60 24.82 -19.48
N THR A 145 -18.54 25.39 -20.08
CA THR A 145 -18.40 25.51 -21.54
C THR A 145 -17.05 24.93 -21.97
N ASN A 146 -15.98 25.34 -21.29
CA ASN A 146 -14.62 24.91 -21.57
C ASN A 146 -14.37 23.48 -21.09
N ALA A 147 -13.79 22.64 -21.99
CA ALA A 147 -13.50 21.23 -21.72
C ALA A 147 -12.29 20.68 -22.48
N VAL A 148 -11.63 19.68 -21.90
CA VAL A 148 -10.51 18.94 -22.51
C VAL A 148 -11.05 17.51 -22.73
N VAL A 149 -11.17 17.07 -24.00
CA VAL A 149 -11.68 15.74 -24.31
C VAL A 149 -10.54 14.86 -24.81
N THR A 150 -10.41 13.65 -24.23
CA THR A 150 -9.37 12.67 -24.59
C THR A 150 -9.85 11.68 -25.67
N VAL A 151 -8.89 11.17 -26.47
CA VAL A 151 -9.07 10.19 -27.55
C VAL A 151 -7.98 9.12 -27.43
N PRO A 152 -8.18 7.87 -27.91
CA PRO A 152 -7.07 6.89 -27.86
C PRO A 152 -5.87 7.31 -28.72
N ALA A 153 -4.65 6.87 -28.34
CA ALA A 153 -3.42 7.22 -29.09
C ALA A 153 -3.44 6.84 -30.59
N TYR A 154 -4.15 5.75 -30.97
CA TYR A 154 -4.25 5.24 -32.35
C TYR A 154 -5.29 5.97 -33.22
N PHE A 155 -6.12 6.85 -32.61
CA PHE A 155 -7.14 7.60 -33.34
C PHE A 155 -6.47 8.44 -34.41
N ASN A 156 -6.90 8.29 -35.69
CA ASN A 156 -6.37 9.04 -36.83
C ASN A 156 -6.91 10.47 -36.85
N ASP A 157 -6.61 11.24 -37.91
CA ASP A 157 -7.04 12.63 -38.04
C ASP A 157 -8.55 12.73 -38.14
N SER A 158 -9.19 11.87 -38.98
CA SER A 158 -10.65 11.85 -39.13
C SER A 158 -11.37 11.57 -37.80
N GLN A 159 -10.91 10.53 -37.06
CA GLN A 159 -11.44 10.08 -35.76
C GLN A 159 -11.32 11.15 -34.69
N ARG A 160 -10.22 11.94 -34.75
CA ARG A 160 -9.89 13.03 -33.83
C ARG A 160 -10.75 14.23 -34.07
N GLN A 161 -10.87 14.66 -35.36
CA GLN A 161 -11.65 15.83 -35.78
C GLN A 161 -13.13 15.65 -35.49
N ALA A 162 -13.66 14.43 -35.75
CA ALA A 162 -15.06 14.04 -35.47
C ALA A 162 -15.38 14.11 -33.98
N THR A 163 -14.43 13.75 -33.10
CA THR A 163 -14.55 13.84 -31.64
C THR A 163 -14.63 15.34 -31.22
N LYS A 164 -13.87 16.21 -31.89
CA LYS A 164 -13.85 17.66 -31.65
C LYS A 164 -15.16 18.22 -32.22
N ASP A 165 -15.69 17.60 -33.30
CA ASP A 165 -16.98 17.96 -33.89
C ASP A 165 -18.09 17.55 -32.89
N ALA A 166 -17.92 16.39 -32.21
CA ALA A 166 -18.82 15.91 -31.16
C ALA A 166 -18.84 16.92 -30.00
N GLY A 167 -17.67 17.46 -29.64
CA GLY A 167 -17.54 18.49 -28.61
C GLY A 167 -18.18 19.81 -29.01
N THR A 168 -18.06 20.18 -30.30
CA THR A 168 -18.63 21.42 -30.86
C THR A 168 -20.16 21.43 -30.82
N ILE A 169 -20.81 20.42 -31.46
CA ILE A 169 -22.27 20.27 -31.52
C ILE A 169 -22.88 20.32 -30.11
N ALA A 170 -22.21 19.67 -29.12
CA ALA A 170 -22.57 19.62 -27.70
C ALA A 170 -22.58 20.99 -27.01
N GLY A 171 -21.90 21.98 -27.62
CA GLY A 171 -21.82 23.35 -27.13
C GLY A 171 -20.69 23.58 -26.15
N LEU A 172 -19.59 22.85 -26.35
CA LEU A 172 -18.40 22.92 -25.52
C LEU A 172 -17.29 23.61 -26.27
N ASN A 173 -16.64 24.55 -25.61
CA ASN A 173 -15.47 25.21 -26.14
C ASN A 173 -14.30 24.22 -25.84
N VAL A 174 -14.07 23.26 -26.78
CA VAL A 174 -13.02 22.23 -26.66
C VAL A 174 -11.61 22.86 -26.65
N LEU A 175 -11.07 23.13 -25.44
CA LEU A 175 -9.74 23.73 -25.26
C LEU A 175 -8.65 22.89 -25.91
N ARG A 176 -8.71 21.55 -25.74
CA ARG A 176 -7.75 20.61 -26.31
C ARG A 176 -8.25 19.16 -26.41
N ILE A 177 -7.64 18.44 -27.34
CA ILE A 177 -7.88 17.02 -27.50
C ILE A 177 -6.51 16.41 -27.20
N ILE A 178 -6.45 15.55 -26.19
CA ILE A 178 -5.23 14.87 -25.77
C ILE A 178 -5.42 13.36 -25.81
N ASN A 179 -4.32 12.59 -25.82
CA ASN A 179 -4.38 11.13 -25.86
C ASN A 179 -4.75 10.54 -24.51
N GLU A 180 -5.45 9.38 -24.50
CA GLU A 180 -5.79 8.72 -23.23
C GLU A 180 -4.52 8.30 -22.44
N PRO A 181 -3.50 7.67 -23.07
CA PRO A 181 -2.26 7.36 -22.34
C PRO A 181 -1.57 8.60 -21.77
N THR A 182 -1.50 9.71 -22.56
CA THR A 182 -0.92 11.00 -22.16
C THR A 182 -1.67 11.53 -20.95
N ALA A 183 -3.04 11.49 -20.95
CA ALA A 183 -3.84 11.97 -19.82
C ALA A 183 -3.61 11.16 -18.54
N ALA A 184 -3.57 9.81 -18.63
CA ALA A 184 -3.29 8.92 -17.49
C ALA A 184 -1.87 9.16 -16.90
N ALA A 185 -0.88 9.51 -17.76
CA ALA A 185 0.49 9.84 -17.36
C ALA A 185 0.55 11.20 -16.64
N ILE A 186 -0.20 12.20 -17.14
CA ILE A 186 -0.35 13.55 -16.59
C ILE A 186 -0.98 13.46 -15.18
N ALA A 187 -1.95 12.53 -14.98
CA ALA A 187 -2.66 12.26 -13.73
C ALA A 187 -1.69 11.88 -12.59
N TYR A 188 -0.62 11.10 -12.92
CA TYR A 188 0.42 10.65 -11.98
C TYR A 188 1.64 11.59 -11.92
N GLY A 189 1.62 12.61 -12.77
CA GLY A 189 2.68 13.62 -12.88
C GLY A 189 4.05 13.05 -13.19
N LEU A 190 4.11 12.11 -14.14
CA LEU A 190 5.35 11.44 -14.59
C LEU A 190 6.18 12.38 -15.47
N ASP A 191 5.55 13.51 -15.80
CA ASP A 191 6.17 14.58 -16.57
C ASP A 191 6.91 15.57 -15.65
N LYS A 192 6.57 15.55 -14.36
CA LYS A 192 7.18 16.40 -13.35
C LYS A 192 8.32 15.67 -12.61
N LYS A 193 8.60 14.44 -12.99
CA LYS A 193 9.66 13.65 -12.36
C LYS A 193 11.11 13.96 -12.74
N VAL A 194 12.01 13.51 -11.87
CA VAL A 194 13.46 13.69 -12.03
C VAL A 194 14.02 12.84 -13.16
N GLY A 195 15.20 13.21 -13.65
CA GLY A 195 15.86 12.52 -14.75
C GLY A 195 15.53 13.20 -16.05
N ALA A 196 16.13 12.75 -17.15
CA ALA A 196 15.86 13.40 -18.43
C ALA A 196 14.82 12.72 -19.31
N GLU A 197 14.92 11.42 -19.49
CA GLU A 197 13.96 10.70 -20.33
C GLU A 197 13.22 9.63 -19.56
N ARG A 198 11.90 9.63 -19.68
CA ARG A 198 11.11 8.62 -19.01
C ARG A 198 10.31 7.80 -19.99
N ASN A 199 10.45 6.49 -19.89
CA ASN A 199 9.69 5.56 -20.73
C ASN A 199 8.55 5.04 -19.89
N VAL A 200 7.33 5.40 -20.29
CA VAL A 200 6.09 5.06 -19.60
C VAL A 200 5.30 3.99 -20.34
N LEU A 201 4.83 2.94 -19.62
CA LEU A 201 3.98 1.90 -20.20
C LEU A 201 2.59 2.02 -19.56
N ILE A 202 1.55 2.26 -20.38
CA ILE A 202 0.18 2.40 -19.89
C ILE A 202 -0.62 1.15 -20.23
N PHE A 203 -1.04 0.43 -19.19
CA PHE A 203 -1.83 -0.78 -19.33
C PHE A 203 -3.27 -0.40 -19.02
N ASP A 204 -4.09 -0.28 -20.08
CA ASP A 204 -5.48 0.13 -20.00
C ASP A 204 -6.45 -1.03 -20.31
N LEU A 205 -6.97 -1.70 -19.25
CA LEU A 205 -7.90 -2.81 -19.43
C LEU A 205 -9.27 -2.36 -18.91
N GLY A 206 -10.06 -1.80 -19.82
CA GLY A 206 -11.37 -1.26 -19.51
C GLY A 206 -12.08 -0.62 -20.68
N GLY A 207 -13.39 -0.45 -20.50
CA GLY A 207 -14.29 0.13 -21.49
C GLY A 207 -14.52 -0.77 -22.70
N GLY A 208 -14.44 -2.08 -22.48
CA GLY A 208 -14.58 -3.10 -23.52
C GLY A 208 -13.43 -3.15 -24.50
N THR A 209 -12.28 -2.56 -24.14
CA THR A 209 -11.07 -2.50 -24.96
C THR A 209 -9.79 -2.67 -24.11
N PHE A 210 -8.70 -3.07 -24.75
CA PHE A 210 -7.40 -3.24 -24.14
C PHE A 210 -6.35 -2.47 -24.95
N ASP A 211 -5.77 -1.43 -24.35
CA ASP A 211 -4.77 -0.62 -25.03
C ASP A 211 -3.48 -0.58 -24.24
N VAL A 212 -2.38 -0.96 -24.90
CA VAL A 212 -1.04 -0.93 -24.31
C VAL A 212 -0.25 0.15 -25.04
N SER A 213 0.07 1.26 -24.32
CA SER A 213 0.80 2.39 -24.91
C SER A 213 2.18 2.56 -24.31
N ILE A 214 3.13 2.94 -25.15
CA ILE A 214 4.49 3.23 -24.70
C ILE A 214 4.73 4.68 -25.05
N LEU A 215 5.15 5.42 -24.04
CA LEU A 215 5.35 6.87 -24.11
C LEU A 215 6.71 7.27 -23.64
N THR A 216 7.27 8.35 -24.23
CA THR A 216 8.55 8.86 -23.75
C THR A 216 8.41 10.32 -23.40
N ILE A 217 8.73 10.67 -22.14
CA ILE A 217 8.68 12.02 -21.62
C ILE A 217 10.08 12.58 -21.63
N GLU A 218 10.34 13.38 -22.65
CA GLU A 218 11.59 14.06 -22.90
C GLU A 218 11.27 15.53 -22.72
N ASP A 219 11.77 16.14 -21.62
CA ASP A 219 11.57 17.56 -21.26
C ASP A 219 10.07 17.99 -21.21
N GLY A 220 9.21 17.09 -20.73
CA GLY A 220 7.77 17.31 -20.61
C GLY A 220 6.98 17.11 -21.90
N ILE A 221 7.65 16.57 -22.91
CA ILE A 221 6.99 16.33 -24.18
C ILE A 221 6.77 14.83 -24.26
N PHE A 222 5.51 14.44 -24.37
CA PHE A 222 5.16 13.04 -24.46
C PHE A 222 5.16 12.60 -25.91
N GLU A 223 5.87 11.52 -26.20
CA GLU A 223 5.94 10.98 -27.55
C GLU A 223 5.41 9.56 -27.46
N VAL A 224 4.55 9.18 -28.40
CA VAL A 224 3.99 7.82 -28.37
C VAL A 224 4.89 6.91 -29.24
N LYS A 225 5.70 6.06 -28.58
CA LYS A 225 6.65 5.15 -29.19
C LYS A 225 5.99 3.96 -29.86
N SER A 226 4.91 3.40 -29.24
CA SER A 226 4.15 2.27 -29.76
C SER A 226 2.75 2.07 -29.13
N THR A 227 1.86 1.39 -29.86
CA THR A 227 0.50 1.05 -29.45
C THR A 227 0.18 -0.39 -29.81
N ALA A 228 -0.38 -1.15 -28.84
CA ALA A 228 -0.78 -2.55 -29.00
C ALA A 228 -2.06 -2.85 -28.20
N GLY A 229 -2.56 -4.08 -28.30
CA GLY A 229 -3.75 -4.50 -27.56
C GLY A 229 -4.77 -5.33 -28.29
N ASP A 230 -6.00 -5.29 -27.76
CA ASP A 230 -7.18 -6.04 -28.21
C ASP A 230 -8.40 -5.10 -28.10
N THR A 231 -9.06 -4.77 -29.23
CA THR A 231 -10.20 -3.83 -29.20
C THR A 231 -11.48 -4.47 -28.65
N HIS A 232 -11.48 -5.80 -28.50
CA HIS A 232 -12.66 -6.52 -28.01
C HIS A 232 -12.31 -7.49 -26.88
N LEU A 233 -11.60 -6.94 -25.88
CA LEU A 233 -11.18 -7.59 -24.64
C LEU A 233 -11.43 -6.62 -23.52
N GLY A 234 -12.27 -7.05 -22.59
CA GLY A 234 -12.68 -6.27 -21.43
C GLY A 234 -13.24 -7.14 -20.34
N GLY A 235 -13.97 -6.49 -19.43
CA GLY A 235 -14.59 -7.11 -18.27
C GLY A 235 -15.56 -8.23 -18.59
N GLU A 236 -16.36 -8.04 -19.65
CA GLU A 236 -17.40 -8.94 -20.15
C GLU A 236 -16.87 -10.34 -20.47
N ASP A 237 -15.61 -10.45 -20.95
CA ASP A 237 -14.97 -11.73 -21.30
C ASP A 237 -14.73 -12.56 -20.05
N PHE A 238 -14.32 -11.91 -18.97
CA PHE A 238 -14.08 -12.54 -17.66
C PHE A 238 -15.39 -13.05 -17.07
N ASP A 239 -16.48 -12.31 -17.34
CA ASP A 239 -17.83 -12.64 -16.89
C ASP A 239 -18.35 -13.83 -17.63
N ASN A 240 -18.12 -13.88 -18.97
CA ASN A 240 -18.54 -14.99 -19.86
C ASN A 240 -18.00 -16.30 -19.33
N ARG A 241 -16.75 -16.32 -18.88
CA ARG A 241 -16.09 -17.48 -18.31
C ARG A 241 -16.73 -17.93 -16.98
N MET A 242 -17.06 -16.97 -16.12
CA MET A 242 -17.77 -17.18 -14.85
C MET A 242 -19.20 -17.70 -15.11
N VAL A 243 -19.86 -17.22 -16.20
CA VAL A 243 -21.22 -17.63 -16.60
C VAL A 243 -21.22 -19.11 -17.07
N ASN A 244 -20.25 -19.50 -17.92
CA ASN A 244 -20.07 -20.86 -18.44
C ASN A 244 -19.81 -21.85 -17.32
N HIS A 245 -19.02 -21.42 -16.31
CA HIS A 245 -18.68 -22.20 -15.12
C HIS A 245 -19.96 -22.56 -14.33
N PHE A 246 -20.80 -21.54 -14.04
CA PHE A 246 -22.01 -21.75 -13.27
C PHE A 246 -23.11 -22.46 -14.07
N ILE A 247 -23.13 -22.35 -15.42
CA ILE A 247 -24.08 -23.13 -16.25
C ILE A 247 -23.71 -24.63 -16.13
N ALA A 248 -22.43 -24.98 -16.34
CA ALA A 248 -21.92 -26.35 -16.25
C ALA A 248 -22.18 -26.92 -14.84
N GLU A 249 -21.90 -26.13 -13.80
CA GLU A 249 -22.09 -26.51 -12.41
C GLU A 249 -23.55 -26.87 -12.13
N PHE A 250 -24.49 -26.01 -12.61
CA PHE A 250 -25.95 -26.22 -12.49
C PHE A 250 -26.33 -27.48 -13.29
N LYS A 251 -25.62 -27.76 -14.38
CA LYS A 251 -25.84 -28.96 -15.20
C LYS A 251 -25.41 -30.22 -14.43
N ARG A 252 -24.22 -30.19 -13.77
CA ARG A 252 -23.71 -31.34 -13.00
C ARG A 252 -24.51 -31.52 -11.71
N LYS A 253 -25.01 -30.41 -11.15
CA LYS A 253 -25.81 -30.39 -9.93
C LYS A 253 -27.23 -30.90 -10.13
N HIS A 254 -27.94 -30.42 -11.15
CA HIS A 254 -29.34 -30.79 -11.41
C HIS A 254 -29.76 -31.45 -12.75
N LYS A 255 -28.87 -31.54 -13.72
CA LYS A 255 -29.18 -32.10 -15.05
C LYS A 255 -30.25 -31.26 -15.78
N LYS A 256 -30.08 -29.94 -15.68
CA LYS A 256 -30.97 -28.98 -16.33
C LYS A 256 -30.15 -27.87 -16.98
N ASP A 257 -30.50 -27.50 -18.20
CA ASP A 257 -29.78 -26.46 -18.93
C ASP A 257 -30.56 -25.15 -18.86
N ILE A 258 -29.96 -24.14 -18.24
CA ILE A 258 -30.59 -22.83 -18.09
C ILE A 258 -30.23 -21.82 -19.15
N SER A 259 -29.37 -22.20 -20.09
CA SER A 259 -28.90 -21.30 -21.13
C SER A 259 -30.00 -20.73 -22.00
N GLU A 260 -30.99 -21.55 -22.32
CA GLU A 260 -32.13 -21.11 -23.14
C GLU A 260 -32.95 -20.01 -22.46
N ASN A 261 -33.06 -20.06 -21.14
CA ASN A 261 -33.82 -19.05 -20.41
C ASN A 261 -32.97 -17.79 -20.22
N LYS A 262 -33.36 -16.73 -20.93
CA LYS A 262 -32.70 -15.41 -20.97
C LYS A 262 -32.69 -14.73 -19.61
N ARG A 263 -33.78 -14.90 -18.83
CA ARG A 263 -33.93 -14.31 -17.51
C ARG A 263 -33.08 -14.97 -16.43
N ALA A 264 -32.98 -16.32 -16.45
CA ALA A 264 -32.14 -17.06 -15.52
C ALA A 264 -30.67 -16.76 -15.84
N VAL A 265 -30.29 -16.65 -17.15
CA VAL A 265 -28.92 -16.34 -17.58
C VAL A 265 -28.62 -14.92 -17.17
N ARG A 266 -29.60 -14.02 -17.33
CA ARG A 266 -29.44 -12.62 -16.92
C ARG A 266 -29.11 -12.55 -15.42
N ARG A 267 -29.92 -13.20 -14.57
CA ARG A 267 -29.74 -13.17 -13.13
C ARG A 267 -28.38 -13.70 -12.72
N LEU A 268 -27.99 -14.84 -13.30
CA LEU A 268 -26.70 -15.46 -13.04
C LEU A 268 -25.53 -14.56 -13.49
N ARG A 269 -25.62 -13.98 -14.72
CA ARG A 269 -24.57 -13.07 -15.23
C ARG A 269 -24.43 -11.83 -14.36
N THR A 270 -25.56 -11.29 -13.84
CA THR A 270 -25.56 -10.09 -13.01
C THR A 270 -24.80 -10.34 -11.70
N ALA A 271 -25.11 -11.43 -10.98
CA ALA A 271 -24.43 -11.84 -9.76
C ALA A 271 -22.95 -12.16 -10.08
N CYS A 272 -22.66 -12.67 -11.29
CA CYS A 272 -21.31 -12.99 -11.75
C CYS A 272 -20.47 -11.74 -11.91
N GLU A 273 -21.10 -10.59 -12.25
CA GLU A 273 -20.38 -9.31 -12.38
C GLU A 273 -19.98 -8.80 -10.98
N ARG A 274 -20.87 -8.99 -10.00
CA ARG A 274 -20.73 -8.59 -8.60
C ARG A 274 -19.72 -9.48 -7.87
N ALA A 275 -19.79 -10.80 -8.12
CA ALA A 275 -18.88 -11.82 -7.55
C ALA A 275 -17.43 -11.61 -8.02
N LYS A 276 -17.25 -11.10 -9.25
CA LYS A 276 -15.94 -10.78 -9.83
C LYS A 276 -15.31 -9.60 -9.09
N ARG A 277 -16.10 -8.50 -8.85
CA ARG A 277 -15.63 -7.29 -8.17
C ARG A 277 -15.19 -7.61 -6.74
N THR A 278 -15.96 -8.49 -6.06
CA THR A 278 -15.69 -8.96 -4.71
C THR A 278 -14.40 -9.78 -4.68
N LEU A 279 -14.14 -10.53 -5.75
CA LEU A 279 -12.93 -11.33 -5.89
C LEU A 279 -11.65 -10.49 -6.08
N SER A 280 -11.79 -9.16 -6.19
CA SER A 280 -10.64 -8.25 -6.33
C SER A 280 -10.16 -7.76 -4.97
N SER A 281 -10.98 -7.94 -3.91
CA SER A 281 -10.59 -7.51 -2.54
C SER A 281 -10.74 -8.62 -1.49
N SER A 282 -11.50 -9.70 -1.80
CA SER A 282 -11.72 -10.89 -0.96
C SER A 282 -11.29 -12.10 -1.76
N THR A 283 -10.85 -13.19 -1.09
CA THR A 283 -10.37 -14.36 -1.84
C THR A 283 -11.50 -15.36 -2.16
N GLN A 284 -12.76 -15.00 -1.81
CA GLN A 284 -13.95 -15.80 -2.06
C GLN A 284 -15.20 -14.90 -2.19
N ALA A 285 -16.20 -15.36 -3.00
CA ALA A 285 -17.48 -14.68 -3.24
C ALA A 285 -18.62 -15.70 -3.24
N SER A 286 -19.71 -15.40 -2.51
CA SER A 286 -20.91 -16.25 -2.41
C SER A 286 -22.06 -15.70 -3.22
N ILE A 287 -22.91 -16.60 -3.75
CA ILE A 287 -24.07 -16.28 -4.59
C ILE A 287 -25.29 -17.08 -4.14
N GLU A 288 -26.42 -16.38 -3.88
CA GLU A 288 -27.68 -17.00 -3.50
C GLU A 288 -28.80 -16.49 -4.39
N ILE A 289 -29.24 -17.32 -5.34
CA ILE A 289 -30.31 -16.95 -6.26
C ILE A 289 -31.46 -17.92 -6.08
N ASP A 290 -32.55 -17.44 -5.44
CA ASP A 290 -33.77 -18.22 -5.23
C ASP A 290 -34.48 -18.38 -6.58
N SER A 291 -35.07 -19.57 -6.80
CA SER A 291 -35.87 -19.98 -7.95
C SER A 291 -35.25 -19.54 -9.30
N LEU A 292 -33.94 -19.82 -9.49
CA LEU A 292 -33.17 -19.47 -10.69
C LEU A 292 -33.82 -20.05 -11.93
N TYR A 293 -33.89 -21.37 -12.01
CA TYR A 293 -34.49 -22.05 -13.16
C TYR A 293 -35.34 -23.23 -12.74
N GLU A 294 -36.59 -23.22 -13.19
CA GLU A 294 -37.53 -24.29 -12.90
C GLU A 294 -37.79 -24.49 -11.41
N GLY A 295 -37.77 -23.38 -10.67
CA GLY A 295 -38.03 -23.40 -9.24
C GLY A 295 -36.91 -23.80 -8.32
N ILE A 296 -35.71 -24.02 -8.87
CA ILE A 296 -34.56 -24.42 -8.08
C ILE A 296 -33.76 -23.23 -7.58
N ASP A 297 -33.36 -23.28 -6.30
CA ASP A 297 -32.54 -22.22 -5.70
C ASP A 297 -31.08 -22.55 -6.00
N PHE A 298 -30.28 -21.55 -6.37
CA PHE A 298 -28.86 -21.74 -6.67
C PHE A 298 -27.95 -21.07 -5.65
N TYR A 299 -27.62 -21.78 -4.56
CA TYR A 299 -26.70 -21.24 -3.56
C TYR A 299 -25.32 -21.84 -3.81
N THR A 300 -24.37 -21.02 -4.23
CA THR A 300 -23.02 -21.46 -4.54
C THR A 300 -22.01 -20.39 -4.17
N SER A 301 -20.72 -20.66 -4.40
CA SER A 301 -19.58 -19.79 -4.17
C SER A 301 -18.49 -20.04 -5.19
N ILE A 302 -17.56 -19.08 -5.31
CA ILE A 302 -16.40 -19.10 -6.20
C ILE A 302 -15.21 -18.47 -5.45
N THR A 303 -14.02 -19.09 -5.53
CA THR A 303 -12.80 -18.56 -4.91
C THR A 303 -12.08 -17.67 -5.92
N ARG A 304 -11.08 -16.91 -5.48
CA ARG A 304 -10.27 -16.09 -6.39
C ARG A 304 -9.42 -17.02 -7.27
N ALA A 305 -8.93 -18.13 -6.69
CA ALA A 305 -8.15 -19.16 -7.36
C ALA A 305 -8.92 -19.76 -8.56
N ARG A 306 -10.23 -20.02 -8.38
CA ARG A 306 -11.07 -20.56 -9.46
C ARG A 306 -11.32 -19.51 -10.55
N PHE A 307 -11.69 -18.29 -10.18
CA PHE A 307 -11.92 -17.24 -11.14
C PHE A 307 -10.64 -17.05 -11.94
N GLU A 308 -9.49 -17.13 -11.27
CA GLU A 308 -8.23 -16.99 -11.98
C GLU A 308 -8.03 -18.12 -12.99
N GLU A 309 -8.33 -19.36 -12.61
CA GLU A 309 -8.17 -20.52 -13.49
C GLU A 309 -9.04 -20.44 -14.74
N LEU A 310 -10.27 -20.00 -14.55
CA LEU A 310 -11.28 -19.83 -15.62
C LEU A 310 -10.85 -18.82 -16.67
N ASN A 311 -10.04 -17.81 -16.28
CA ASN A 311 -9.59 -16.74 -17.17
C ASN A 311 -8.07 -16.73 -17.36
N ALA A 312 -7.36 -17.78 -16.87
CA ALA A 312 -5.90 -17.96 -16.90
C ALA A 312 -5.23 -17.62 -18.23
N ASP A 313 -5.80 -18.09 -19.36
CA ASP A 313 -5.34 -17.84 -20.75
C ASP A 313 -5.61 -16.40 -21.17
N LEU A 314 -6.75 -15.88 -20.74
CA LEU A 314 -7.10 -14.50 -21.02
C LEU A 314 -6.18 -13.54 -20.25
N PHE A 315 -5.93 -13.84 -18.98
CA PHE A 315 -5.09 -13.01 -18.14
C PHE A 315 -3.62 -12.96 -18.53
N ARG A 316 -3.05 -14.13 -18.81
CA ARG A 316 -1.66 -14.25 -19.19
C ARG A 316 -1.46 -13.56 -20.52
N GLY A 317 -2.46 -13.72 -21.38
CA GLY A 317 -2.47 -13.16 -22.72
C GLY A 317 -2.42 -11.65 -22.82
N THR A 318 -2.66 -10.90 -21.70
CA THR A 318 -2.57 -9.42 -21.70
C THR A 318 -1.08 -8.93 -21.89
N LEU A 319 -0.11 -9.81 -21.60
CA LEU A 319 1.32 -9.52 -21.72
C LEU A 319 1.83 -9.63 -23.15
N ASP A 320 1.08 -10.29 -24.04
CA ASP A 320 1.54 -10.42 -25.42
C ASP A 320 1.63 -9.02 -26.00
N PRO A 321 0.60 -8.22 -25.79
CA PRO A 321 0.62 -6.84 -26.25
C PRO A 321 1.75 -6.04 -25.56
N VAL A 322 2.03 -6.33 -24.28
CA VAL A 322 3.09 -5.65 -23.55
C VAL A 322 4.45 -5.95 -24.19
N GLU A 323 4.66 -7.22 -24.55
CA GLU A 323 5.88 -7.66 -25.22
C GLU A 323 5.93 -7.07 -26.63
N LYS A 324 4.79 -7.08 -27.37
CA LYS A 324 4.63 -6.54 -28.73
C LYS A 324 4.92 -5.05 -28.78
N ALA A 325 4.49 -4.29 -27.74
CA ALA A 325 4.70 -2.83 -27.61
C ALA A 325 6.12 -2.47 -27.26
N LEU A 326 6.77 -3.28 -26.40
CA LEU A 326 8.19 -3.13 -26.05
C LEU A 326 9.07 -3.38 -27.27
N ARG A 327 8.60 -4.25 -28.18
CA ARG A 327 9.28 -4.55 -29.43
C ARG A 327 9.27 -3.32 -30.36
N ASP A 328 8.06 -2.85 -30.70
CA ASP A 328 7.79 -1.75 -31.62
C ASP A 328 8.37 -0.41 -31.15
N ALA A 329 8.55 -0.23 -29.84
CA ALA A 329 9.13 0.99 -29.23
C ALA A 329 10.64 0.94 -29.16
N LYS A 330 11.22 -0.25 -29.40
CA LYS A 330 12.65 -0.61 -29.40
C LYS A 330 13.27 -0.38 -28.01
N LEU A 331 12.61 -0.95 -27.00
CA LEU A 331 13.06 -0.85 -25.61
C LEU A 331 12.94 -2.16 -24.83
N ASP A 332 13.89 -2.39 -23.94
CA ASP A 332 13.88 -3.58 -23.09
C ASP A 332 12.92 -3.24 -21.97
N LYS A 333 12.39 -4.25 -21.29
CA LYS A 333 11.46 -3.99 -20.19
C LYS A 333 12.10 -3.19 -19.06
N SER A 334 13.37 -3.48 -18.79
CA SER A 334 14.16 -2.82 -17.74
C SER A 334 14.37 -1.31 -17.96
N GLN A 335 14.04 -0.82 -19.18
CA GLN A 335 14.15 0.57 -19.60
C GLN A 335 12.84 1.35 -19.33
N ILE A 336 11.87 0.68 -18.71
CA ILE A 336 10.59 1.30 -18.40
C ILE A 336 10.61 1.86 -16.98
N HIS A 337 10.58 3.18 -16.90
CA HIS A 337 10.59 3.89 -15.62
C HIS A 337 9.29 3.75 -14.80
N ASP A 338 8.15 3.79 -15.47
CA ASP A 338 6.86 3.67 -14.79
C ASP A 338 5.81 2.84 -15.51
N ILE A 339 4.97 2.15 -14.74
CA ILE A 339 3.84 1.36 -15.22
C ILE A 339 2.62 2.03 -14.67
N VAL A 340 1.61 2.28 -15.51
CA VAL A 340 0.35 2.93 -15.09
C VAL A 340 -0.83 1.99 -15.38
N LEU A 341 -1.76 1.85 -14.37
CA LEU A 341 -2.94 1.00 -14.48
C LEU A 341 -4.16 1.85 -14.74
N VAL A 342 -4.84 1.60 -15.88
CA VAL A 342 -6.05 2.32 -16.32
C VAL A 342 -7.17 1.29 -16.58
N GLY A 343 -8.41 1.68 -16.32
CA GLY A 343 -9.58 0.82 -16.50
C GLY A 343 -9.84 -0.06 -15.31
N GLY A 344 -11.11 -0.40 -15.10
CA GLY A 344 -11.56 -1.17 -13.95
C GLY A 344 -11.05 -2.58 -13.82
N SER A 345 -10.73 -3.26 -14.95
CA SER A 345 -10.27 -4.63 -14.90
C SER A 345 -8.88 -4.79 -14.30
N THR A 346 -8.10 -3.69 -14.22
CA THR A 346 -6.73 -3.70 -13.64
C THR A 346 -6.79 -3.83 -12.13
N ARG A 347 -7.99 -3.80 -11.57
CA ARG A 347 -8.20 -3.99 -10.15
C ARG A 347 -7.99 -5.48 -9.85
N ILE A 348 -8.10 -6.38 -10.90
CA ILE A 348 -7.95 -7.84 -10.76
C ILE A 348 -6.54 -8.14 -10.26
N PRO A 349 -6.44 -8.77 -9.05
CA PRO A 349 -5.12 -9.01 -8.45
C PRO A 349 -4.19 -9.88 -9.30
N LYS A 350 -4.72 -10.80 -10.12
CA LYS A 350 -3.87 -11.63 -10.98
C LYS A 350 -3.24 -10.80 -12.09
N ILE A 351 -4.00 -9.83 -12.63
CA ILE A 351 -3.49 -8.93 -13.68
C ILE A 351 -2.34 -8.08 -13.13
N GLN A 352 -2.52 -7.52 -11.94
CA GLN A 352 -1.48 -6.76 -11.23
C GLN A 352 -0.21 -7.61 -10.99
N LYS A 353 -0.38 -8.84 -10.46
CA LYS A 353 0.70 -9.80 -10.18
C LYS A 353 1.45 -10.23 -11.47
N LEU A 354 0.72 -10.67 -12.53
CA LEU A 354 1.35 -11.07 -13.80
C LEU A 354 2.16 -9.90 -14.40
N LEU A 355 1.62 -8.66 -14.31
CA LEU A 355 2.30 -7.47 -14.85
C LEU A 355 3.50 -7.04 -13.96
N GLN A 356 3.37 -7.23 -12.62
CA GLN A 356 4.42 -6.92 -11.65
C GLN A 356 5.58 -7.90 -11.80
N ASP A 357 5.29 -9.21 -11.95
CA ASP A 357 6.30 -10.26 -12.15
C ASP A 357 7.03 -10.08 -13.47
N PHE A 358 6.33 -9.67 -14.54
CA PHE A 358 6.95 -9.41 -15.84
C PHE A 358 7.97 -8.27 -15.71
N PHE A 359 7.64 -7.20 -14.96
CA PHE A 359 8.54 -6.08 -14.73
C PHE A 359 9.42 -6.30 -13.52
N ASN A 360 9.70 -7.57 -13.19
CA ASN A 360 10.56 -8.02 -12.11
C ASN A 360 10.28 -7.29 -10.79
N GLY A 361 9.07 -7.51 -10.28
CA GLY A 361 8.57 -6.97 -9.02
C GLY A 361 8.46 -5.47 -8.90
N LYS A 362 8.48 -4.72 -10.03
CA LYS A 362 8.35 -3.25 -10.05
C LYS A 362 6.95 -2.79 -9.61
N GLU A 363 6.90 -1.72 -8.78
CA GLU A 363 5.67 -1.14 -8.28
C GLU A 363 4.81 -0.52 -9.39
N LEU A 364 3.49 -0.74 -9.33
CA LEU A 364 2.55 -0.27 -10.35
C LEU A 364 1.87 0.98 -9.89
N ASN A 365 1.50 1.86 -10.81
CA ASN A 365 0.82 3.07 -10.40
C ASN A 365 -0.68 2.83 -10.49
N LYS A 366 -1.26 2.49 -9.34
CA LYS A 366 -2.69 2.19 -9.22
C LYS A 366 -3.48 3.00 -8.19
N SER A 367 -2.87 4.02 -7.58
CA SER A 367 -3.54 4.80 -6.55
C SER A 367 -4.79 5.58 -6.99
N ILE A 368 -4.73 6.17 -8.17
CA ILE A 368 -5.85 6.95 -8.72
C ILE A 368 -6.87 5.94 -9.28
N ASN A 369 -8.14 6.07 -8.95
CA ASN A 369 -9.12 5.11 -9.44
C ASN A 369 -8.88 4.94 -10.95
N PRO A 370 -8.73 3.69 -11.37
CA PRO A 370 -8.41 3.39 -12.78
C PRO A 370 -9.44 3.90 -13.77
N ASP A 371 -10.71 3.84 -13.39
CA ASP A 371 -11.81 4.32 -14.19
C ASP A 371 -11.77 5.83 -14.36
N GLU A 372 -11.10 6.50 -13.42
CA GLU A 372 -11.05 7.96 -13.38
C GLU A 372 -9.76 8.60 -13.81
N ALA A 373 -8.66 7.79 -13.89
CA ALA A 373 -7.30 8.23 -14.26
C ALA A 373 -7.23 9.09 -15.50
N VAL A 374 -7.97 8.71 -16.58
CA VAL A 374 -7.98 9.47 -17.83
C VAL A 374 -8.60 10.86 -17.62
N ALA A 375 -9.86 10.89 -17.10
CA ALA A 375 -10.60 12.12 -16.78
C ALA A 375 -9.83 13.02 -15.78
N TYR A 376 -9.12 12.40 -14.80
CA TYR A 376 -8.28 13.06 -13.80
C TYR A 376 -7.16 13.85 -14.53
N GLY A 377 -6.49 13.20 -15.50
CA GLY A 377 -5.43 13.80 -16.31
C GLY A 377 -5.92 14.91 -17.23
N ALA A 378 -7.09 14.71 -17.86
CA ALA A 378 -7.76 15.67 -18.75
C ALA A 378 -8.22 16.92 -18.00
N ALA A 379 -8.60 16.77 -16.71
CA ALA A 379 -9.02 17.87 -15.83
C ALA A 379 -7.82 18.72 -15.39
N VAL A 380 -6.66 18.09 -15.12
CA VAL A 380 -5.41 18.77 -14.78
C VAL A 380 -5.04 19.65 -16.01
N GLN A 381 -5.12 19.04 -17.22
CA GLN A 381 -4.85 19.72 -18.49
C GLN A 381 -5.80 20.90 -18.69
N ALA A 382 -7.11 20.73 -18.40
CA ALA A 382 -8.11 21.80 -18.50
C ALA A 382 -7.80 22.98 -17.58
N ALA A 383 -7.33 22.72 -16.37
CA ALA A 383 -6.95 23.76 -15.41
C ALA A 383 -5.74 24.55 -15.90
N ILE A 384 -4.78 23.86 -16.48
CA ILE A 384 -3.56 24.46 -17.01
C ILE A 384 -3.87 25.42 -18.16
N LEU A 385 -4.82 25.03 -19.02
CA LEU A 385 -5.20 25.85 -20.17
C LEU A 385 -6.26 26.90 -19.84
N SER A 386 -6.79 26.83 -18.63
CA SER A 386 -7.82 27.75 -18.14
C SER A 386 -7.43 29.23 -18.20
N SER B 5 -34.75 -17.83 19.33
CA SER B 5 -33.41 -17.28 19.06
C SER B 5 -33.37 -16.28 17.92
N ASN B 6 -33.95 -15.08 18.12
CA ASN B 6 -34.06 -14.00 17.12
C ASN B 6 -32.99 -12.96 17.31
N SER B 7 -32.29 -12.59 16.24
CA SER B 7 -31.19 -11.63 16.33
C SER B 7 -31.52 -10.24 15.80
N PRO B 8 -30.97 -9.16 16.42
CA PRO B 8 -31.18 -7.81 15.88
C PRO B 8 -30.67 -7.66 14.45
N GLN B 9 -29.63 -8.44 14.08
CA GLN B 9 -29.01 -8.44 12.76
C GLN B 9 -30.02 -8.88 11.68
N GLU B 10 -30.93 -9.81 12.03
CA GLU B 10 -31.98 -10.26 11.13
C GLU B 10 -32.96 -9.15 10.81
N GLU B 11 -33.33 -8.32 11.80
CA GLU B 11 -34.25 -7.16 11.66
C GLU B 11 -33.84 -6.23 10.52
N VAL B 12 -32.52 -6.16 10.25
CA VAL B 12 -31.91 -5.36 9.19
C VAL B 12 -32.25 -6.00 7.84
N GLU B 13 -32.07 -7.33 7.71
CA GLU B 13 -32.36 -8.07 6.48
C GLU B 13 -33.88 -8.14 6.20
N LEU B 14 -34.70 -8.08 7.28
CA LEU B 14 -36.16 -8.11 7.20
C LEU B 14 -36.68 -6.76 6.69
N LYS B 15 -36.03 -5.63 7.11
CA LYS B 15 -36.37 -4.28 6.65
C LYS B 15 -36.08 -4.12 5.14
N LYS B 16 -34.98 -4.72 4.66
CA LYS B 16 -34.56 -4.72 3.24
C LYS B 16 -35.64 -5.40 2.40
N LEU B 17 -36.08 -6.60 2.83
CA LEU B 17 -37.10 -7.39 2.17
C LEU B 17 -38.50 -6.76 2.22
N LYS B 18 -38.79 -6.00 3.31
CA LYS B 18 -40.04 -5.25 3.45
C LYS B 18 -40.05 -4.10 2.45
N HIS B 19 -38.95 -3.36 2.34
CA HIS B 19 -38.88 -2.28 1.37
C HIS B 19 -39.00 -2.82 -0.06
N LEU B 20 -38.40 -3.98 -0.31
CA LEU B 20 -38.50 -4.64 -1.62
C LEU B 20 -39.97 -5.12 -1.87
N GLU B 21 -40.66 -5.59 -0.79
CA GLU B 21 -42.07 -6.02 -0.82
C GLU B 21 -42.99 -4.89 -1.27
N LYS B 22 -42.74 -3.67 -0.78
CA LYS B 22 -43.53 -2.48 -1.11
C LYS B 22 -43.26 -2.03 -2.54
N SER B 23 -42.03 -2.25 -3.04
CA SER B 23 -41.61 -1.92 -4.41
C SER B 23 -42.33 -2.87 -5.39
N VAL B 24 -42.50 -4.13 -4.98
CA VAL B 24 -43.21 -5.13 -5.77
C VAL B 24 -44.66 -4.68 -5.91
N GLU B 25 -45.31 -4.25 -4.78
CA GLU B 25 -46.69 -3.74 -4.75
C GLU B 25 -46.92 -2.62 -5.77
N LYS B 26 -45.97 -1.65 -5.87
CA LYS B 26 -46.04 -0.51 -6.79
C LYS B 26 -46.08 -0.96 -8.26
N ILE B 27 -45.21 -1.94 -8.62
CA ILE B 27 -45.14 -2.53 -9.97
C ILE B 27 -46.38 -3.45 -10.20
N ALA B 28 -46.90 -4.08 -9.13
CA ALA B 28 -48.09 -4.94 -9.18
C ALA B 28 -49.31 -4.09 -9.50
N ASP B 29 -49.34 -2.84 -9.03
CA ASP B 29 -50.44 -1.92 -9.31
C ASP B 29 -50.50 -1.60 -10.81
N GLN B 30 -49.33 -1.36 -11.39
CA GLN B 30 -49.15 -1.10 -12.84
C GLN B 30 -49.59 -2.31 -13.66
N LEU B 31 -49.22 -3.53 -13.21
CA LEU B 31 -49.62 -4.76 -13.86
C LEU B 31 -51.14 -4.89 -13.80
N GLU B 32 -51.75 -4.57 -12.63
CA GLU B 32 -53.19 -4.65 -12.41
C GLU B 32 -53.99 -3.82 -13.42
N GLU B 33 -53.52 -2.56 -13.71
CA GLU B 33 -54.15 -1.64 -14.66
C GLU B 33 -54.10 -2.17 -16.09
N LEU B 34 -52.94 -2.69 -16.52
CA LEU B 34 -52.68 -3.33 -17.82
C LEU B 34 -53.64 -4.52 -18.04
N ASN B 35 -53.79 -5.37 -17.02
CA ASN B 35 -54.65 -6.54 -17.04
C ASN B 35 -56.13 -6.14 -17.17
N LYS B 36 -56.59 -5.10 -16.43
CA LYS B 36 -57.97 -4.58 -16.50
C LYS B 36 -58.22 -4.04 -17.91
N GLU B 37 -57.22 -3.30 -18.46
CA GLU B 37 -57.30 -2.74 -19.82
C GLU B 37 -57.36 -3.85 -20.85
N LEU B 38 -56.44 -4.85 -20.76
CA LEU B 38 -56.36 -6.02 -21.64
C LEU B 38 -57.66 -6.78 -21.66
N THR B 39 -58.19 -7.16 -20.46
CA THR B 39 -59.49 -7.82 -20.29
C THR B 39 -60.60 -6.98 -20.96
N GLY B 40 -60.52 -5.66 -20.78
CA GLY B 40 -61.46 -4.68 -21.32
C GLY B 40 -61.46 -4.62 -22.83
N ILE B 41 -60.28 -4.62 -23.46
CA ILE B 41 -60.17 -4.63 -24.92
C ILE B 41 -60.72 -5.95 -25.48
N GLN B 42 -60.25 -7.10 -24.95
CA GLN B 42 -60.59 -8.47 -25.36
C GLN B 42 -62.08 -8.82 -25.31
N GLN B 43 -62.76 -8.38 -24.23
CA GLN B 43 -64.19 -8.62 -23.98
C GLN B 43 -65.07 -7.45 -24.44
N GLY B 44 -64.46 -6.26 -24.56
CA GLY B 44 -65.10 -5.00 -24.92
C GLY B 44 -65.76 -4.88 -26.27
N PHE B 45 -66.51 -3.79 -26.46
CA PHE B 45 -67.33 -3.46 -27.62
C PHE B 45 -66.60 -2.62 -28.69
N LEU B 46 -65.28 -2.66 -28.64
CA LEU B 46 -64.46 -1.92 -29.59
C LEU B 46 -64.56 -2.52 -31.00
N PRO B 47 -64.51 -1.70 -32.04
CA PRO B 47 -64.58 -2.23 -33.40
C PRO B 47 -63.43 -3.20 -33.61
N LYS B 48 -63.70 -4.32 -34.25
CA LYS B 48 -62.70 -5.36 -34.42
C LYS B 48 -61.44 -4.89 -35.12
N ASP B 49 -61.57 -4.04 -36.12
CA ASP B 49 -60.39 -3.56 -36.80
C ASP B 49 -59.48 -2.80 -35.83
N LEU B 50 -60.08 -1.94 -35.01
CA LEU B 50 -59.37 -1.13 -34.02
C LEU B 50 -58.71 -1.91 -32.88
N GLN B 51 -59.37 -2.99 -32.46
CA GLN B 51 -58.88 -3.83 -31.38
C GLN B 51 -57.38 -4.16 -31.38
N ALA B 52 -56.81 -4.41 -32.56
CA ALA B 52 -55.38 -4.77 -32.69
C ALA B 52 -54.51 -3.60 -32.28
N GLU B 53 -54.82 -2.39 -32.81
CA GLU B 53 -54.16 -1.12 -32.51
C GLU B 53 -54.21 -0.84 -30.99
N ALA B 54 -55.38 -1.06 -30.35
CA ALA B 54 -55.60 -0.87 -28.90
C ALA B 54 -54.75 -1.83 -28.04
N LEU B 55 -54.54 -3.08 -28.54
CA LEU B 55 -53.78 -4.15 -27.89
C LEU B 55 -52.31 -3.84 -27.95
N CYS B 56 -51.79 -3.59 -29.15
CA CYS B 56 -50.38 -3.26 -29.32
C CYS B 56 -49.95 -2.01 -28.54
N LYS B 57 -50.90 -1.09 -28.26
CA LYS B 57 -50.61 0.12 -27.51
C LYS B 57 -50.20 -0.16 -26.03
N LEU B 58 -50.32 -1.44 -25.57
CA LEU B 58 -49.91 -1.88 -24.22
C LEU B 58 -48.42 -2.37 -24.17
N ASP B 59 -47.74 -2.52 -25.33
CA ASP B 59 -46.37 -3.00 -25.49
C ASP B 59 -45.31 -2.31 -24.62
N ARG B 60 -45.23 -0.96 -24.66
CA ARG B 60 -44.23 -0.16 -23.93
C ARG B 60 -44.41 -0.32 -22.43
N ARG B 61 -45.67 -0.24 -21.94
CA ARG B 61 -46.02 -0.40 -20.52
C ARG B 61 -45.71 -1.79 -19.98
N VAL B 62 -46.13 -2.88 -20.69
CA VAL B 62 -45.87 -4.27 -20.29
C VAL B 62 -44.36 -4.57 -20.20
N LYS B 63 -43.55 -4.08 -21.18
CA LYS B 63 -42.10 -4.25 -21.26
C LYS B 63 -41.36 -3.52 -20.13
N ALA B 64 -41.90 -2.36 -19.71
CA ALA B 64 -41.40 -1.57 -18.59
C ALA B 64 -41.70 -2.34 -17.30
N THR B 65 -42.92 -2.87 -17.16
CA THR B 65 -43.28 -3.61 -15.98
C THR B 65 -42.39 -4.83 -15.83
N ILE B 66 -42.12 -5.52 -16.92
CA ILE B 66 -41.25 -6.70 -16.86
C ILE B 66 -39.83 -6.30 -16.44
N GLU B 67 -39.30 -5.20 -16.98
CA GLU B 67 -37.95 -4.77 -16.61
C GLU B 67 -37.85 -4.37 -15.14
N GLN B 68 -38.82 -3.59 -14.66
CA GLN B 68 -38.87 -3.15 -13.26
C GLN B 68 -38.80 -4.36 -12.34
N PHE B 69 -39.56 -5.43 -12.68
CA PHE B 69 -39.61 -6.70 -11.96
C PHE B 69 -38.28 -7.45 -11.98
N MET B 70 -37.58 -7.42 -13.13
CA MET B 70 -36.29 -8.11 -13.30
C MET B 70 -35.24 -7.47 -12.45
N LYS B 71 -35.33 -6.14 -12.31
CA LYS B 71 -34.46 -5.31 -11.49
C LYS B 71 -34.71 -5.65 -10.01
N ILE B 72 -35.99 -5.81 -9.60
CA ILE B 72 -36.37 -6.25 -8.24
C ILE B 72 -35.68 -7.57 -7.91
N LEU B 73 -35.82 -8.61 -8.78
CA LEU B 73 -35.14 -9.88 -8.61
C LEU B 73 -33.58 -9.72 -8.46
N GLU B 74 -32.94 -8.80 -9.22
CA GLU B 74 -31.48 -8.60 -9.13
C GLU B 74 -31.07 -7.91 -7.81
N GLU B 75 -32.00 -7.18 -7.18
CA GLU B 75 -31.74 -6.54 -5.90
C GLU B 75 -31.86 -7.63 -4.84
N ILE B 76 -32.84 -8.55 -5.01
CA ILE B 76 -33.06 -9.69 -4.11
C ILE B 76 -31.84 -10.63 -4.19
N ASP B 77 -31.37 -10.93 -5.40
CA ASP B 77 -30.21 -11.80 -5.65
C ASP B 77 -28.90 -11.34 -5.02
N THR B 78 -28.81 -10.09 -4.47
CA THR B 78 -27.59 -9.60 -3.82
C THR B 78 -27.58 -9.96 -2.32
N LEU B 79 -28.70 -10.50 -1.82
CA LEU B 79 -28.85 -10.87 -0.42
C LEU B 79 -28.18 -12.18 -0.11
N ILE B 80 -27.39 -12.20 1.00
CA ILE B 80 -26.73 -13.39 1.54
C ILE B 80 -27.34 -13.62 2.92
N LEU B 81 -28.16 -14.67 3.03
CA LEU B 81 -28.87 -14.99 4.25
C LEU B 81 -28.42 -16.32 4.85
N PRO B 82 -27.85 -16.28 6.08
CA PRO B 82 -27.42 -17.52 6.73
C PRO B 82 -28.57 -18.44 7.13
N GLU B 83 -28.28 -19.72 7.36
CA GLU B 83 -29.27 -20.75 7.73
C GLU B 83 -30.21 -20.31 8.87
N ASN B 84 -29.62 -19.81 9.98
CA ASN B 84 -30.28 -19.31 11.20
C ASN B 84 -31.32 -18.17 10.96
N PHE B 85 -31.18 -17.44 9.83
CA PHE B 85 -32.07 -16.36 9.40
C PHE B 85 -33.25 -16.98 8.64
N LYS B 86 -33.92 -17.96 9.26
CA LYS B 86 -35.04 -18.75 8.74
C LYS B 86 -36.21 -17.90 8.21
N ASP B 87 -36.59 -16.83 8.93
CA ASP B 87 -37.67 -15.92 8.54
C ASP B 87 -37.35 -15.08 7.32
N SER B 88 -36.10 -14.63 7.20
CA SER B 88 -35.63 -13.84 6.06
C SER B 88 -35.56 -14.72 4.81
N ARG B 89 -35.13 -16.00 4.94
CA ARG B 89 -35.06 -16.95 3.81
C ARG B 89 -36.47 -17.31 3.27
N LEU B 90 -37.48 -17.45 4.18
CA LEU B 90 -38.88 -17.75 3.85
CA LEU B 90 -38.87 -17.75 3.82
C LEU B 90 -39.50 -16.53 3.15
N LYS B 91 -39.21 -15.31 3.69
CA LYS B 91 -39.68 -14.02 3.16
C LYS B 91 -39.04 -13.81 1.79
N ARG B 92 -37.72 -14.12 1.66
CA ARG B 92 -36.98 -14.01 0.42
C ARG B 92 -37.62 -14.90 -0.67
N LYS B 93 -37.79 -16.20 -0.40
CA LYS B 93 -38.36 -17.18 -1.34
C LYS B 93 -39.76 -16.82 -1.82
N GLY B 94 -40.60 -16.36 -0.88
CA GLY B 94 -41.98 -15.93 -1.09
C GLY B 94 -42.14 -14.80 -2.09
N LEU B 95 -41.33 -13.74 -1.95
CA LEU B 95 -41.27 -12.53 -2.80
C LEU B 95 -40.81 -12.86 -4.20
N VAL B 96 -39.70 -13.61 -4.35
CA VAL B 96 -39.19 -14.08 -5.66
C VAL B 96 -40.36 -14.86 -6.38
N LYS B 97 -41.05 -15.79 -5.67
CA LYS B 97 -42.14 -16.59 -6.25
C LYS B 97 -43.33 -15.73 -6.71
N LYS B 98 -43.58 -14.65 -5.96
CA LYS B 98 -44.64 -13.67 -6.22
C LYS B 98 -44.25 -12.83 -7.45
N VAL B 99 -42.96 -12.38 -7.53
CA VAL B 99 -42.44 -11.61 -8.68
C VAL B 99 -42.43 -12.50 -9.93
N GLN B 100 -42.20 -13.81 -9.74
CA GLN B 100 -42.20 -14.76 -10.83
C GLN B 100 -43.61 -15.03 -11.35
N ALA B 101 -44.60 -15.19 -10.44
CA ALA B 101 -46.01 -15.33 -10.84
C ALA B 101 -46.46 -14.04 -11.57
N PHE B 102 -45.93 -12.85 -11.11
CA PHE B 102 -46.22 -11.57 -11.76
C PHE B 102 -45.62 -11.48 -13.17
N LEU B 103 -44.36 -11.94 -13.32
CA LEU B 103 -43.65 -11.97 -14.60
C LEU B 103 -44.33 -12.91 -15.62
N ALA B 104 -44.89 -14.06 -15.16
CA ALA B 104 -45.61 -15.04 -15.99
C ALA B 104 -46.98 -14.49 -16.48
N GLU B 105 -47.56 -13.53 -15.74
CA GLU B 105 -48.80 -12.86 -16.14
C GLU B 105 -48.45 -11.82 -17.21
N CYS B 106 -47.25 -11.19 -17.07
CA CYS B 106 -46.75 -10.20 -18.01
C CYS B 106 -46.56 -10.86 -19.35
N ASP B 107 -45.94 -12.07 -19.36
CA ASP B 107 -45.70 -12.90 -20.55
C ASP B 107 -47.01 -13.17 -21.29
N THR B 108 -48.10 -13.41 -20.52
CA THR B 108 -49.47 -13.62 -20.99
C THR B 108 -49.98 -12.37 -21.72
N VAL B 109 -49.71 -11.15 -21.18
CA VAL B 109 -50.10 -9.87 -21.79
C VAL B 109 -49.44 -9.81 -23.18
N GLU B 110 -48.08 -9.96 -23.20
CA GLU B 110 -47.20 -9.99 -24.36
C GLU B 110 -47.64 -10.98 -25.43
N GLN B 111 -48.18 -12.16 -25.02
CA GLN B 111 -48.72 -13.21 -25.91
C GLN B 111 -50.08 -12.80 -26.52
N ASN B 112 -50.74 -11.78 -25.93
CA ASN B 112 -52.06 -11.34 -26.38
C ASN B 112 -52.05 -10.02 -27.14
N ILE B 113 -50.87 -9.37 -27.27
CA ILE B 113 -50.77 -8.09 -27.98
C ILE B 113 -49.74 -8.17 -29.12
N CYS B 114 -49.79 -7.20 -30.08
CA CYS B 114 -48.88 -7.05 -31.23
C CYS B 114 -48.63 -8.36 -32.03
N GLN B 115 -49.64 -9.25 -32.12
CA GLN B 115 -49.55 -10.54 -32.80
C GLN B 115 -49.87 -10.46 -34.30
N GLU B 116 -49.18 -11.28 -35.12
CA GLU B 116 -49.34 -11.39 -36.57
C GLU B 116 -48.81 -12.74 -37.07
N MET C 6 11.07 30.29 22.48
CA MET C 6 12.42 30.16 23.03
C MET C 6 13.40 31.15 22.38
N SER C 7 14.39 31.64 23.16
CA SER C 7 15.45 32.55 22.68
C SER C 7 16.51 31.75 21.89
N LYS C 8 17.50 32.45 21.27
CA LYS C 8 18.57 31.80 20.50
C LYS C 8 19.54 31.06 21.43
N GLY C 9 19.94 29.86 21.05
CA GLY C 9 20.80 28.99 21.86
C GLY C 9 22.18 28.66 21.33
N PRO C 10 22.88 27.72 22.03
CA PRO C 10 24.25 27.40 21.60
C PRO C 10 24.34 26.46 20.42
N ALA C 11 25.55 26.30 19.86
CA ALA C 11 25.84 25.44 18.74
C ALA C 11 26.01 24.01 19.25
N VAL C 12 25.39 23.04 18.56
CA VAL C 12 25.46 21.63 18.98
C VAL C 12 26.41 20.78 18.08
N GLY C 13 26.78 19.61 18.58
CA GLY C 13 27.61 18.65 17.88
C GLY C 13 26.86 17.36 17.76
N ILE C 14 26.59 16.91 16.52
CA ILE C 14 25.76 15.71 16.33
C ILE C 14 26.49 14.59 15.61
N ASP C 15 26.52 13.43 16.26
CA ASP C 15 27.08 12.20 15.70
C ASP C 15 25.88 11.52 15.04
N LEU C 16 25.71 11.74 13.73
CA LEU C 16 24.64 11.10 12.96
C LEU C 16 25.22 9.72 12.61
N GLY C 17 24.88 8.72 13.43
CA GLY C 17 25.39 7.36 13.33
C GLY C 17 24.51 6.39 12.57
N THR C 18 25.06 5.19 12.23
CA THR C 18 24.36 4.15 11.47
C THR C 18 23.19 3.55 12.28
N THR C 19 23.42 3.16 13.55
CA THR C 19 22.37 2.57 14.42
C THR C 19 21.78 3.54 15.46
N TYR C 20 22.60 4.52 15.92
CA TYR C 20 22.19 5.54 16.91
C TYR C 20 22.87 6.83 16.60
N SER C 21 22.17 7.93 16.87
CA SER C 21 22.67 9.31 16.77
C SER C 21 22.94 9.85 18.18
N CYS C 22 23.84 10.81 18.32
CA CYS C 22 24.21 11.38 19.61
C CYS C 22 24.41 12.88 19.53
N VAL C 23 23.91 13.62 20.51
CA VAL C 23 24.02 15.06 20.47
C VAL C 23 24.61 15.62 21.77
N GLY C 24 25.58 16.49 21.61
CA GLY C 24 26.24 17.15 22.72
C GLY C 24 26.33 18.65 22.56
N VAL C 25 26.50 19.36 23.69
CA VAL C 25 26.66 20.81 23.70
C VAL C 25 27.72 21.22 24.72
N PHE C 26 28.65 22.10 24.31
CA PHE C 26 29.69 22.63 25.17
C PHE C 26 29.14 23.81 25.98
N GLN C 27 29.21 23.69 27.30
CA GLN C 27 28.79 24.73 28.23
C GLN C 27 29.48 24.54 29.57
N HIS C 28 29.85 25.64 30.21
CA HIS C 28 30.51 25.63 31.53
C HIS C 28 31.89 24.96 31.55
N GLY C 29 32.58 24.95 30.43
CA GLY C 29 33.91 24.34 30.37
C GLY C 29 33.86 22.82 30.33
N LYS C 30 32.65 22.30 30.19
CA LYS C 30 32.39 20.86 30.12
C LYS C 30 31.43 20.52 28.98
N VAL C 31 31.62 19.35 28.36
CA VAL C 31 30.73 18.88 27.30
C VAL C 31 29.58 18.11 27.93
N GLU C 32 28.35 18.52 27.61
CA GLU C 32 27.16 17.82 28.10
C GLU C 32 26.53 17.05 26.95
N ILE C 33 26.35 15.75 27.15
CA ILE C 33 25.73 14.89 26.16
C ILE C 33 24.25 14.94 26.52
N ILE C 34 23.44 15.37 25.57
CA ILE C 34 22.02 15.59 25.77
C ILE C 34 21.20 14.30 25.72
N ALA C 35 20.46 14.02 26.80
CA ALA C 35 19.55 12.88 26.92
C ALA C 35 18.24 13.25 26.22
N ASN C 36 17.68 12.28 25.50
CA ASN C 36 16.41 12.42 24.80
C ASN C 36 15.19 12.31 25.73
N ASP C 37 14.00 12.59 25.20
CA ASP C 37 12.78 12.60 25.99
C ASP C 37 12.51 11.30 26.78
N GLN C 38 13.11 10.18 26.35
CA GLN C 38 13.01 8.88 27.03
C GLN C 38 14.18 8.69 28.00
N GLY C 39 14.94 9.77 28.22
CA GLY C 39 16.08 9.84 29.12
C GLY C 39 17.36 9.22 28.60
N ASN C 40 17.35 8.72 27.32
CA ASN C 40 18.51 8.06 26.69
C ASN C 40 19.51 9.04 26.05
N ARG C 41 20.78 8.85 26.32
CA ARG C 41 21.85 9.69 25.75
C ARG C 41 22.08 9.50 24.24
N THR C 42 21.61 8.38 23.70
CA THR C 42 21.71 8.09 22.27
C THR C 42 20.34 7.67 21.75
N THR C 43 20.00 8.13 20.54
CA THR C 43 18.71 7.84 19.93
C THR C 43 18.87 6.98 18.67
N PRO C 44 18.00 6.00 18.49
CA PRO C 44 18.09 5.13 17.30
C PRO C 44 17.90 5.89 15.98
N SER C 45 18.72 5.57 14.99
CA SER C 45 18.61 6.18 13.67
C SER C 45 17.54 5.43 12.87
N TYR C 46 16.32 5.42 13.43
CA TYR C 46 15.10 4.74 13.00
C TYR C 46 13.96 5.75 12.71
N VAL C 47 13.31 5.63 11.53
CA VAL C 47 12.17 6.46 11.14
C VAL C 47 11.04 5.50 10.79
N ALA C 48 9.94 5.50 11.53
CA ALA C 48 8.82 4.60 11.27
C ALA C 48 7.59 5.29 10.70
N PHE C 49 6.96 4.62 9.73
CA PHE C 49 5.78 5.13 9.07
C PHE C 49 4.58 4.25 9.39
N THR C 50 3.49 4.90 9.79
CA THR C 50 2.27 4.22 10.18
C THR C 50 1.10 4.82 9.46
N ASP C 51 -0.04 4.14 9.53
CA ASP C 51 -1.25 4.62 8.88
C ASP C 51 -1.62 5.98 9.46
N THR C 52 -1.41 6.16 10.76
CA THR C 52 -1.73 7.45 11.37
C THR C 52 -0.57 8.42 11.73
N GLU C 53 0.69 8.06 11.50
CA GLU C 53 1.80 8.99 11.87
C GLU C 53 3.25 8.57 11.52
N ARG C 54 4.20 9.46 11.81
CA ARG C 54 5.63 9.25 11.60
C ARG C 54 6.38 9.31 12.96
N LEU C 55 7.10 8.25 13.30
CA LEU C 55 7.88 8.17 14.55
C LEU C 55 9.39 8.19 14.32
N ILE C 56 10.13 8.96 15.13
CA ILE C 56 11.59 9.07 14.98
C ILE C 56 12.27 8.61 16.28
N GLY C 57 13.29 7.77 16.16
CA GLY C 57 14.10 7.31 17.26
C GLY C 57 13.56 6.13 18.05
N ASP C 58 13.51 6.30 19.38
CA ASP C 58 13.04 5.26 20.31
C ASP C 58 11.69 4.73 19.96
N ALA C 59 10.68 5.63 19.75
CA ALA C 59 9.30 5.25 19.38
C ALA C 59 9.25 4.45 18.06
N ALA C 60 10.16 4.80 17.11
CA ALA C 60 10.30 4.12 15.83
C ALA C 60 10.85 2.71 16.06
N LYS C 61 11.96 2.60 16.81
CA LYS C 61 12.57 1.32 17.14
C LYS C 61 11.67 0.43 18.00
N ASN C 62 10.90 1.02 18.93
CA ASN C 62 10.06 0.24 19.84
C ASN C 62 8.89 -0.48 19.15
N GLN C 63 8.55 -0.12 17.89
CA GLN C 63 7.47 -0.80 17.15
C GLN C 63 7.95 -1.53 15.86
N VAL C 64 9.26 -1.84 15.78
CA VAL C 64 9.87 -2.52 14.63
C VAL C 64 9.37 -4.00 14.48
N ALA C 65 8.96 -4.67 15.59
CA ALA C 65 8.39 -6.02 15.46
C ALA C 65 6.97 -5.95 14.91
N MET C 66 6.25 -4.90 15.30
CA MET C 66 4.90 -4.61 14.82
C MET C 66 4.80 -4.16 13.37
N ASN C 67 5.73 -3.29 12.95
CA ASN C 67 5.74 -2.75 11.60
C ASN C 67 7.13 -2.79 10.95
N PRO C 68 7.66 -3.98 10.67
CA PRO C 68 9.00 -4.11 10.08
C PRO C 68 9.23 -3.53 8.67
N THR C 69 8.28 -3.65 7.76
CA THR C 69 8.43 -3.14 6.38
C THR C 69 8.32 -1.61 6.28
N ASN C 70 7.66 -0.95 7.26
CA ASN C 70 7.50 0.51 7.23
C ASN C 70 8.39 1.28 8.26
N THR C 71 9.32 0.58 8.95
CA THR C 71 10.30 1.12 9.92
C THR C 71 11.64 1.12 9.21
N VAL C 72 12.15 2.33 8.90
CA VAL C 72 13.37 2.64 8.15
C VAL C 72 14.57 2.83 9.09
N PHE C 73 15.71 2.25 8.72
CA PHE C 73 16.98 2.35 9.42
C PHE C 73 18.08 2.17 8.39
N ASP C 74 19.37 2.25 8.81
CA ASP C 74 20.55 2.06 7.96
C ASP C 74 20.58 2.99 6.74
N ALA C 75 20.06 4.20 6.91
CA ALA C 75 20.03 5.19 5.85
C ALA C 75 21.44 5.71 5.59
N LYS C 76 22.32 5.59 6.58
CA LYS C 76 23.69 6.05 6.45
C LYS C 76 24.40 5.17 5.44
N ARG C 77 23.97 3.92 5.37
CA ARG C 77 24.48 2.93 4.41
C ARG C 77 23.97 3.21 2.95
N LEU C 78 23.04 4.15 2.81
CA LEU C 78 22.49 4.46 1.50
C LEU C 78 22.77 5.87 1.05
N ILE C 79 22.95 6.76 2.01
CA ILE C 79 23.15 8.16 1.72
C ILE C 79 24.33 8.42 0.79
N GLY C 80 24.07 9.25 -0.22
CA GLY C 80 25.08 9.64 -1.19
C GLY C 80 25.51 8.53 -2.13
N ARG C 81 24.72 7.47 -2.21
CA ARG C 81 25.05 6.35 -3.07
C ARG C 81 24.11 6.15 -4.25
N ARG C 82 24.59 5.45 -5.26
CA ARG C 82 23.82 5.11 -6.45
C ARG C 82 23.10 3.79 -6.13
N PHE C 83 21.93 3.58 -6.74
CA PHE C 83 21.17 2.35 -6.55
C PHE C 83 21.98 1.14 -6.96
N ASP C 84 22.84 1.29 -7.96
CA ASP C 84 23.57 0.13 -8.46
C ASP C 84 24.93 -0.08 -7.77
N ASP C 85 25.21 0.64 -6.70
CA ASP C 85 26.43 0.42 -5.94
C ASP C 85 26.38 -0.99 -5.31
N ALA C 86 27.47 -1.73 -5.35
CA ALA C 86 27.58 -3.09 -4.80
C ALA C 86 27.10 -3.20 -3.34
N VAL C 87 27.41 -2.17 -2.52
CA VAL C 87 27.02 -2.06 -1.10
C VAL C 87 25.48 -1.97 -1.00
N VAL C 88 24.85 -1.05 -1.78
CA VAL C 88 23.39 -0.86 -1.81
C VAL C 88 22.70 -2.21 -2.10
N GLN C 89 23.17 -2.90 -3.15
CA GLN C 89 22.65 -4.19 -3.60
C GLN C 89 22.87 -5.33 -2.62
N SER C 90 23.99 -5.32 -1.86
CA SER C 90 24.32 -6.37 -0.90
C SER C 90 23.62 -6.18 0.43
N ASP C 91 23.43 -4.92 0.87
CA ASP C 91 22.75 -4.60 2.11
C ASP C 91 21.24 -4.77 2.00
N MET C 92 20.64 -4.43 0.87
CA MET C 92 19.18 -4.49 0.73
C MET C 92 18.56 -5.86 0.90
N LYS C 93 19.36 -6.88 0.67
CA LYS C 93 18.91 -8.28 0.83
C LYS C 93 18.46 -8.57 2.29
N HIS C 94 19.00 -7.80 3.24
CA HIS C 94 18.71 -7.96 4.68
C HIS C 94 17.69 -7.01 5.32
N TRP C 95 17.35 -5.92 4.66
CA TRP C 95 16.37 -4.99 5.20
C TRP C 95 14.92 -5.46 4.98
N PRO C 96 14.02 -5.25 5.98
CA PRO C 96 12.61 -5.67 5.79
C PRO C 96 11.85 -4.68 4.93
N PHE C 97 12.36 -3.45 4.77
CA PHE C 97 11.75 -2.40 3.96
C PHE C 97 12.25 -2.49 2.52
N MET C 98 11.57 -1.82 1.59
CA MET C 98 11.99 -1.89 0.19
C MET C 98 12.84 -0.70 -0.24
N VAL C 99 13.94 -1.00 -0.97
CA VAL C 99 14.82 -0.04 -1.59
C VAL C 99 14.50 -0.11 -3.07
N VAL C 100 14.09 1.04 -3.65
CA VAL C 100 13.70 1.14 -5.06
C VAL C 100 14.68 2.03 -5.86
N ASN C 101 14.54 2.02 -7.20
CA ASN C 101 15.38 2.77 -8.12
C ASN C 101 14.63 3.92 -8.76
N ASP C 102 15.08 5.15 -8.48
CA ASP C 102 14.52 6.36 -9.08
C ASP C 102 15.61 7.06 -9.93
N ALA C 103 15.60 6.76 -11.25
CA ALA C 103 16.52 7.31 -12.26
C ALA C 103 18.02 7.35 -11.81
N GLY C 104 18.46 6.24 -11.21
CA GLY C 104 19.82 6.07 -10.74
C GLY C 104 19.97 6.06 -9.24
N ARG C 105 19.13 6.82 -8.53
CA ARG C 105 19.17 6.98 -7.07
C ARG C 105 18.29 5.98 -6.31
N PRO C 106 18.80 5.44 -5.18
CA PRO C 106 17.95 4.57 -4.36
C PRO C 106 16.90 5.40 -3.60
N LYS C 107 15.84 4.75 -3.13
CA LYS C 107 14.75 5.39 -2.39
C LYS C 107 14.10 4.37 -1.49
N VAL C 108 13.81 4.73 -0.26
CA VAL C 108 13.12 3.77 0.62
C VAL C 108 11.61 3.85 0.30
N GLN C 109 10.95 2.70 0.17
CA GLN C 109 9.52 2.66 -0.17
C GLN C 109 8.73 2.02 0.96
N VAL C 110 7.83 2.83 1.56
CA VAL C 110 6.97 2.51 2.71
C VAL C 110 5.50 2.90 2.44
N GLU C 111 4.59 2.49 3.36
CA GLU C 111 3.15 2.77 3.34
C GLU C 111 2.79 3.77 4.48
N TYR C 112 2.69 5.08 4.13
CA TYR C 112 2.47 6.17 5.07
C TYR C 112 1.14 6.86 4.91
N LYS C 113 0.26 6.55 5.86
CA LYS C 113 -1.11 7.08 5.96
C LYS C 113 -1.97 6.59 4.81
N GLY C 114 -2.01 5.28 4.66
CA GLY C 114 -2.75 4.62 3.59
C GLY C 114 -2.43 5.11 2.19
N GLU C 115 -1.13 5.37 1.92
CA GLU C 115 -0.55 5.85 0.66
C GLU C 115 0.85 5.27 0.55
N THR C 116 1.31 4.97 -0.67
CA THR C 116 2.65 4.44 -0.92
C THR C 116 3.59 5.59 -1.26
N LYS C 117 4.35 6.04 -0.23
CA LYS C 117 5.32 7.13 -0.31
C LYS C 117 6.77 6.61 -0.39
N SER C 118 7.67 7.38 -1.03
CA SER C 118 9.09 7.03 -1.16
C SER C 118 9.99 8.20 -0.74
N PHE C 119 11.07 7.88 -0.03
CA PHE C 119 12.00 8.90 0.48
C PHE C 119 13.46 8.63 0.14
N TYR C 120 14.17 9.69 -0.25
CA TYR C 120 15.60 9.68 -0.51
C TYR C 120 16.31 9.47 0.87
N PRO C 121 17.55 8.90 0.90
CA PRO C 121 18.19 8.64 2.21
C PRO C 121 18.37 9.86 3.12
N GLU C 122 18.78 11.02 2.53
CA GLU C 122 18.96 12.28 3.27
C GLU C 122 17.65 12.84 3.83
N GLU C 123 16.48 12.39 3.29
CA GLU C 123 15.15 12.76 3.77
C GLU C 123 14.88 12.01 5.08
N VAL C 124 15.29 10.73 5.15
CA VAL C 124 15.12 9.88 6.35
C VAL C 124 16.10 10.42 7.43
N SER C 125 17.31 10.74 7.00
CA SER C 125 18.34 11.30 7.88
C SER C 125 18.00 12.69 8.39
N SER C 126 17.28 13.48 7.61
CA SER C 126 16.88 14.82 8.05
C SER C 126 15.91 14.73 9.23
N MET C 127 15.06 13.67 9.25
CA MET C 127 14.07 13.36 10.28
C MET C 127 14.78 12.92 11.54
N VAL C 128 15.90 12.21 11.39
CA VAL C 128 16.75 11.77 12.51
C VAL C 128 17.46 13.02 13.10
N LEU C 129 17.99 13.90 12.22
CA LEU C 129 18.67 15.16 12.58
C LEU C 129 17.72 16.18 13.19
N THR C 130 16.42 16.18 12.78
CA THR C 130 15.36 17.05 13.34
C THR C 130 15.14 16.67 14.78
N LYS C 131 15.01 15.36 15.05
CA LYS C 131 14.85 14.81 16.37
C LYS C 131 16.00 15.24 17.31
N MET C 132 17.27 15.16 16.84
CA MET C 132 18.46 15.57 17.60
C MET C 132 18.43 17.07 17.93
N LYS C 133 18.02 17.91 16.95
CA LYS C 133 17.87 19.36 17.09
C LYS C 133 16.86 19.64 18.22
N GLU C 134 15.74 18.91 18.21
CA GLU C 134 14.63 18.98 19.16
C GLU C 134 15.03 18.57 20.58
N ILE C 135 15.81 17.49 20.72
CA ILE C 135 16.35 16.92 21.95
C ILE C 135 17.16 18.01 22.69
N ALA C 136 18.05 18.73 21.95
CA ALA C 136 18.89 19.84 22.40
C ALA C 136 18.01 21.00 22.82
N GLU C 137 17.03 21.41 21.97
CA GLU C 137 16.04 22.48 22.19
C GLU C 137 15.20 22.23 23.47
N ALA C 138 14.78 20.96 23.72
CA ALA C 138 14.02 20.52 24.89
C ALA C 138 14.82 20.60 26.20
N TYR C 139 16.12 20.27 26.16
CA TYR C 139 17.03 20.31 27.30
C TYR C 139 17.53 21.74 27.58
N LEU C 140 17.88 22.48 26.52
CA LEU C 140 18.42 23.84 26.62
C LEU C 140 17.38 24.90 26.90
N GLY C 141 16.13 24.67 26.50
CA GLY C 141 15.06 25.65 26.66
C GLY C 141 15.20 26.80 25.69
N LYS C 142 16.05 26.59 24.66
CA LYS C 142 16.40 27.55 23.60
C LYS C 142 16.42 26.88 22.21
N THR C 143 16.29 27.71 21.17
CA THR C 143 16.34 27.37 19.75
C THR C 143 17.77 26.96 19.39
N VAL C 144 17.91 25.88 18.62
CA VAL C 144 19.19 25.35 18.13
C VAL C 144 19.12 25.37 16.61
N THR C 145 20.07 26.07 15.97
CA THR C 145 20.12 26.16 14.51
C THR C 145 21.50 25.71 14.05
N ASN C 146 22.58 26.23 14.68
CA ASN C 146 23.97 25.90 14.36
C ASN C 146 24.42 24.54 14.85
N ALA C 147 24.98 23.73 13.95
CA ALA C 147 25.45 22.40 14.30
C ALA C 147 26.66 21.93 13.51
N VAL C 148 27.37 20.97 14.08
CA VAL C 148 28.52 20.34 13.43
C VAL C 148 28.14 18.87 13.33
N VAL C 149 27.98 18.36 12.11
CA VAL C 149 27.60 16.96 11.90
C VAL C 149 28.78 16.08 11.48
N THR C 150 28.87 14.86 12.00
CA THR C 150 30.00 13.99 11.65
C THR C 150 29.64 13.00 10.49
N VAL C 151 30.69 12.50 9.81
CA VAL C 151 30.67 11.54 8.69
C VAL C 151 31.90 10.63 8.79
N PRO C 152 31.86 9.36 8.29
CA PRO C 152 33.10 8.55 8.26
C PRO C 152 34.19 9.17 7.37
N ALA C 153 35.44 8.85 7.63
CA ALA C 153 36.58 9.37 6.86
C ALA C 153 36.61 8.88 5.40
N TYR C 154 36.13 7.65 5.14
CA TYR C 154 36.04 7.03 3.80
C TYR C 154 34.94 7.64 2.92
N PHE C 155 33.99 8.41 3.50
CA PHE C 155 32.90 9.06 2.75
C PHE C 155 33.42 9.96 1.62
N ASN C 156 32.76 9.88 0.44
CA ASN C 156 33.10 10.66 -0.74
C ASN C 156 32.34 11.99 -0.80
N ASP C 157 32.59 12.79 -1.85
CA ASP C 157 31.96 14.10 -2.07
C ASP C 157 30.43 14.07 -1.99
N SER C 158 29.82 13.01 -2.57
CA SER C 158 28.40 12.70 -2.71
C SER C 158 27.76 12.37 -1.39
N GLN C 159 28.43 11.50 -0.63
CA GLN C 159 27.99 11.07 0.68
C GLN C 159 28.10 12.20 1.67
N ARG C 160 29.10 13.06 1.48
CA ARG C 160 29.30 14.20 2.35
C ARG C 160 28.18 15.21 2.12
N GLN C 161 27.95 15.56 0.83
CA GLN C 161 26.95 16.52 0.35
C GLN C 161 25.54 16.10 0.67
N ALA C 162 25.24 14.78 0.62
CA ALA C 162 23.93 14.24 0.97
C ALA C 162 23.68 14.43 2.47
N THR C 163 24.72 14.18 3.33
CA THR C 163 24.67 14.40 4.78
C THR C 163 24.46 15.89 5.02
N LYS C 164 25.22 16.76 4.28
CA LYS C 164 25.05 18.21 4.39
C LYS C 164 23.62 18.63 3.99
N ASP C 165 23.03 18.00 2.95
CA ASP C 165 21.65 18.28 2.53
C ASP C 165 20.70 17.87 3.66
N ALA C 166 20.92 16.69 4.30
CA ALA C 166 20.07 16.21 5.41
C ALA C 166 19.99 17.23 6.57
N GLY C 167 21.10 17.90 6.89
CA GLY C 167 21.15 18.94 7.92
C GLY C 167 20.33 20.16 7.52
N THR C 168 20.48 20.58 6.25
CA THR C 168 19.78 21.70 5.60
C THR C 168 18.26 21.46 5.58
N ILE C 169 17.81 20.23 5.17
CA ILE C 169 16.39 19.85 5.15
C ILE C 169 15.77 19.99 6.55
N ALA C 170 16.47 19.49 7.59
CA ALA C 170 16.11 19.51 9.02
C ALA C 170 16.03 20.89 9.67
N GLY C 171 16.47 21.93 8.95
CA GLY C 171 16.52 23.30 9.46
C GLY C 171 17.83 23.71 10.11
N LEU C 172 18.79 22.78 10.18
CA LEU C 172 20.11 23.05 10.79
C LEU C 172 21.07 23.81 9.87
N ASN C 173 21.86 24.73 10.48
CA ASN C 173 22.94 25.48 9.83
C ASN C 173 24.16 24.62 10.07
N VAL C 174 24.69 23.97 9.03
CA VAL C 174 25.85 23.11 9.24
C VAL C 174 27.14 23.92 9.28
N LEU C 175 27.65 24.15 10.49
CA LEU C 175 28.88 24.91 10.63
C LEU C 175 29.98 24.16 9.92
N ARG C 176 30.03 22.85 10.14
CA ARG C 176 31.04 22.01 9.51
C ARG C 176 30.68 20.53 9.52
N ILE C 177 31.32 19.79 8.64
CA ILE C 177 31.14 18.35 8.57
C ILE C 177 32.54 17.85 8.89
N ILE C 178 32.70 17.08 9.94
CA ILE C 178 34.02 16.59 10.28
C ILE C 178 34.06 15.08 10.30
N ASN C 179 35.23 14.53 10.10
CA ASN C 179 35.37 13.09 10.08
C ASN C 179 35.18 12.62 11.52
N GLU C 180 34.52 11.46 11.68
CA GLU C 180 34.30 10.86 12.99
C GLU C 180 35.65 10.65 13.76
N PRO C 181 36.75 10.14 13.14
CA PRO C 181 38.02 10.02 13.86
C PRO C 181 38.61 11.37 14.31
N THR C 182 38.43 12.43 13.49
CA THR C 182 38.87 13.80 13.78
C THR C 182 38.08 14.27 15.03
N ALA C 183 36.74 14.00 15.08
CA ALA C 183 35.92 14.36 16.25
C ALA C 183 36.42 13.67 17.54
N ALA C 184 36.79 12.35 17.42
CA ALA C 184 37.30 11.50 18.50
C ALA C 184 38.60 12.06 19.02
N ALA C 185 39.54 12.40 18.09
CA ALA C 185 40.83 12.99 18.38
C ALA C 185 40.68 14.37 19.08
N ILE C 186 39.71 15.15 18.63
CA ILE C 186 39.38 16.43 19.24
C ILE C 186 38.87 16.27 20.69
N ALA C 187 38.12 15.21 20.96
CA ALA C 187 37.54 14.91 22.28
C ALA C 187 38.60 14.75 23.36
N TYR C 188 39.73 14.10 23.02
CA TYR C 188 40.90 13.89 23.88
C TYR C 188 41.98 14.96 23.72
N GLY C 189 41.61 16.09 23.11
CA GLY C 189 42.50 17.23 22.85
C GLY C 189 43.86 16.92 22.24
N LEU C 190 43.94 15.86 21.38
CA LEU C 190 45.18 15.41 20.74
C LEU C 190 45.79 16.42 19.75
N ASP C 191 44.99 17.42 19.36
CA ASP C 191 45.30 18.54 18.48
C ASP C 191 45.86 19.75 19.30
N LYS C 192 45.80 19.66 20.65
CA LYS C 192 46.23 20.72 21.56
C LYS C 192 47.63 20.47 22.09
N LYS C 193 48.05 19.20 22.06
CA LYS C 193 49.35 18.79 22.57
C LYS C 193 50.55 19.46 21.91
N VAL C 194 51.48 19.89 22.75
CA VAL C 194 52.70 20.54 22.32
C VAL C 194 53.64 19.57 21.63
N GLY C 195 54.35 20.02 20.62
CA GLY C 195 55.28 19.14 19.94
C GLY C 195 55.23 19.13 18.44
N ALA C 196 55.79 18.07 17.89
CA ALA C 196 55.85 17.82 16.46
C ALA C 196 54.62 17.08 15.97
N GLU C 197 54.69 16.63 14.73
CA GLU C 197 53.61 15.93 14.06
C GLU C 197 53.20 14.70 14.85
N ARG C 198 51.89 14.50 15.00
CA ARG C 198 51.34 13.36 15.74
C ARG C 198 50.52 12.38 14.90
N ASN C 199 50.85 11.10 15.05
CA ASN C 199 50.22 9.98 14.36
C ASN C 199 49.29 9.30 15.31
N VAL C 200 48.01 9.42 15.01
CA VAL C 200 46.89 8.93 15.81
C VAL C 200 46.16 7.79 15.07
N LEU C 201 45.92 6.70 15.78
CA LEU C 201 45.14 5.58 15.27
C LEU C 201 43.84 5.62 16.05
N ILE C 202 42.73 5.69 15.31
CA ILE C 202 41.38 5.61 15.87
C ILE C 202 40.89 4.18 15.57
N PHE C 203 40.40 3.51 16.62
CA PHE C 203 39.87 2.14 16.60
C PHE C 203 38.40 2.27 16.98
N ASP C 204 37.53 2.38 15.98
CA ASP C 204 36.09 2.55 16.17
C ASP C 204 35.29 1.22 16.00
N LEU C 205 34.82 0.64 17.10
CA LEU C 205 34.10 -0.62 17.08
C LEU C 205 32.71 -0.46 17.73
N GLY C 206 31.72 -0.26 16.89
CA GLY C 206 30.34 -0.02 17.30
C GLY C 206 29.57 0.68 16.21
N GLY C 207 28.25 0.73 16.39
CA GLY C 207 27.33 1.32 15.42
C GLY C 207 27.16 0.40 14.23
N GLY C 208 27.48 -0.89 14.43
CA GLY C 208 27.39 -1.93 13.39
C GLY C 208 28.55 -1.97 12.39
N THR C 209 29.51 -1.05 12.53
CA THR C 209 30.68 -0.92 11.65
C THR C 209 32.01 -0.86 12.43
N PHE C 210 33.06 -1.45 11.86
CA PHE C 210 34.40 -1.34 12.45
C PHE C 210 35.24 -0.45 11.53
N ASP C 211 35.77 0.66 12.06
CA ASP C 211 36.60 1.59 11.27
C ASP C 211 37.92 1.88 11.94
N VAL C 212 39.05 1.68 11.21
CA VAL C 212 40.39 2.00 11.71
C VAL C 212 40.88 3.18 10.89
N SER C 213 41.17 4.31 11.55
CA SER C 213 41.66 5.48 10.83
C SER C 213 42.98 5.92 11.38
N ILE C 214 43.92 6.31 10.48
CA ILE C 214 45.22 6.85 10.86
C ILE C 214 45.27 8.33 10.43
N LEU C 215 45.48 9.21 11.43
CA LEU C 215 45.51 10.67 11.29
C LEU C 215 46.86 11.24 11.64
N THR C 216 47.17 12.42 11.07
CA THR C 216 48.40 13.16 11.33
C THR C 216 47.98 14.55 11.77
N ILE C 217 48.55 15.01 12.89
CA ILE C 217 48.24 16.34 13.43
C ILE C 217 49.50 17.16 13.70
N GLU C 218 49.61 18.27 12.98
CA GLU C 218 50.70 19.21 13.08
C GLU C 218 50.08 20.61 13.12
N ASP C 219 50.19 21.26 14.29
CA ASP C 219 49.66 22.59 14.60
C ASP C 219 48.14 22.68 14.40
N GLY C 220 47.45 21.60 14.76
CA GLY C 220 45.99 21.51 14.66
C GLY C 220 45.46 21.15 13.28
N ILE C 221 46.35 20.90 12.33
CA ILE C 221 45.91 20.53 10.99
C ILE C 221 45.80 19.02 10.93
N PHE C 222 44.60 18.53 10.61
CA PHE C 222 44.34 17.11 10.53
C PHE C 222 44.44 16.58 9.12
N GLU C 223 45.10 15.44 8.99
CA GLU C 223 45.26 14.78 7.72
C GLU C 223 44.88 13.32 7.92
N VAL C 224 44.00 12.79 7.08
CA VAL C 224 43.64 11.38 7.18
C VAL C 224 44.63 10.61 6.30
N LYS C 225 45.60 9.93 6.93
CA LYS C 225 46.69 9.19 6.24
C LYS C 225 46.24 7.84 5.68
N SER C 226 45.29 7.16 6.33
CA SER C 226 44.78 5.86 5.87
C SER C 226 43.57 5.40 6.67
N THR C 227 42.75 4.55 6.05
CA THR C 227 41.56 3.94 6.66
C THR C 227 41.54 2.45 6.30
N ALA C 228 40.79 1.66 7.09
CA ALA C 228 40.61 0.23 6.90
C ALA C 228 39.47 -0.22 7.80
N GLY C 229 39.09 -1.49 7.67
CA GLY C 229 38.07 -2.09 8.52
C GLY C 229 37.07 -2.99 7.84
N ASP C 230 36.00 -3.26 8.58
CA ASP C 230 34.90 -4.10 8.17
C ASP C 230 33.62 -3.35 8.51
N THR C 231 32.83 -3.06 7.47
CA THR C 231 31.56 -2.32 7.55
C THR C 231 30.41 -3.14 8.16
N HIS C 232 30.63 -4.46 8.38
CA HIS C 232 29.63 -5.37 8.91
C HIS C 232 30.08 -6.14 10.17
N LEU C 233 31.03 -5.57 10.92
CA LEU C 233 31.51 -6.16 12.17
C LEU C 233 31.04 -5.29 13.31
N GLY C 234 30.46 -5.91 14.31
CA GLY C 234 29.96 -5.17 15.46
C GLY C 234 29.48 -6.05 16.58
N GLY C 235 28.82 -5.39 17.54
CA GLY C 235 28.26 -5.97 18.75
C GLY C 235 27.38 -7.18 18.53
N GLU C 236 26.40 -7.09 17.60
CA GLU C 236 25.46 -8.19 17.29
C GLU C 236 26.18 -9.47 16.86
N ASP C 237 27.33 -9.36 16.15
CA ASP C 237 28.15 -10.51 15.74
C ASP C 237 28.64 -11.26 16.97
N PHE C 238 29.04 -10.52 18.01
CA PHE C 238 29.51 -11.01 19.29
C PHE C 238 28.37 -11.64 20.08
N ASP C 239 27.13 -11.12 19.93
CA ASP C 239 25.92 -11.64 20.57
C ASP C 239 25.46 -12.93 19.90
N ASN C 240 25.55 -13.00 18.54
CA ASN C 240 25.18 -14.17 17.74
C ASN C 240 25.98 -15.40 18.21
N ARG C 241 27.26 -15.20 18.59
CA ARG C 241 28.15 -16.25 19.11
C ARG C 241 27.64 -16.72 20.47
N MET C 242 27.27 -15.78 21.37
CA MET C 242 26.71 -16.07 22.69
C MET C 242 25.40 -16.85 22.56
N VAL C 243 24.53 -16.42 21.63
CA VAL C 243 23.24 -17.00 21.32
C VAL C 243 23.39 -18.43 20.75
N ASN C 244 24.46 -18.70 19.98
CA ASN C 244 24.71 -20.02 19.41
C ASN C 244 25.18 -21.01 20.48
N HIS C 245 26.07 -20.52 21.37
CA HIS C 245 26.61 -21.25 22.52
C HIS C 245 25.43 -21.75 23.37
N PHE C 246 24.55 -20.82 23.81
CA PHE C 246 23.43 -21.14 24.65
C PHE C 246 22.34 -21.98 23.98
N ILE C 247 22.16 -21.88 22.62
CA ILE C 247 21.23 -22.74 21.87
C ILE C 247 21.82 -24.15 21.85
N ALA C 248 23.15 -24.27 21.64
CA ALA C 248 23.87 -25.56 21.64
C ALA C 248 23.80 -26.17 23.03
N GLU C 249 24.01 -25.34 24.09
CA GLU C 249 23.92 -25.68 25.51
C GLU C 249 22.55 -26.22 25.88
N PHE C 250 21.44 -25.59 25.40
CA PHE C 250 20.08 -26.07 25.67
C PHE C 250 19.87 -27.43 24.99
N LYS C 251 20.53 -27.66 23.82
CA LYS C 251 20.47 -28.95 23.13
C LYS C 251 21.19 -30.00 23.97
N ARG C 252 22.39 -29.69 24.50
CA ARG C 252 23.17 -30.62 25.36
C ARG C 252 22.48 -31.02 26.66
N LYS C 253 21.80 -30.07 27.32
CA LYS C 253 21.14 -30.25 28.62
C LYS C 253 19.74 -30.86 28.53
N HIS C 254 18.92 -30.43 27.57
CA HIS C 254 17.55 -30.95 27.46
C HIS C 254 17.15 -31.71 26.18
N LYS C 255 18.03 -31.69 25.18
CA LYS C 255 17.82 -32.38 23.89
C LYS C 255 16.63 -31.83 23.07
N LYS C 256 16.38 -30.51 23.23
CA LYS C 256 15.35 -29.76 22.49
C LYS C 256 16.02 -28.62 21.76
N ASP C 257 15.64 -28.39 20.52
CA ASP C 257 16.18 -27.29 19.73
C ASP C 257 15.18 -26.14 19.81
N ILE C 258 15.61 -25.00 20.35
CA ILE C 258 14.74 -23.82 20.50
C ILE C 258 14.84 -22.77 19.38
N SER C 259 15.68 -23.02 18.40
CA SER C 259 15.93 -22.07 17.31
C SER C 259 14.70 -21.69 16.51
N GLU C 260 13.82 -22.65 16.31
CA GLU C 260 12.59 -22.44 15.57
C GLU C 260 11.62 -21.44 16.21
N ASN C 261 11.65 -21.32 17.53
CA ASN C 261 10.77 -20.40 18.25
C ASN C 261 11.43 -19.02 18.32
N LYS C 262 10.89 -18.06 17.58
CA LYS C 262 11.42 -16.71 17.52
C LYS C 262 11.38 -15.93 18.83
N ARG C 263 10.30 -16.11 19.58
CA ARG C 263 10.07 -15.47 20.88
C ARG C 263 11.12 -15.91 21.89
N ALA C 264 11.42 -17.23 21.96
CA ALA C 264 12.42 -17.85 22.84
C ALA C 264 13.83 -17.43 22.45
N VAL C 265 14.10 -17.27 21.14
CA VAL C 265 15.42 -16.82 20.66
C VAL C 265 15.61 -15.31 21.04
N ARG C 266 14.52 -14.54 21.04
CA ARG C 266 14.52 -13.12 21.38
C ARG C 266 14.82 -12.94 22.84
N ARG C 267 14.21 -13.77 23.72
CA ARG C 267 14.43 -13.71 25.16
C ARG C 267 15.89 -14.03 25.51
N LEU C 268 16.44 -15.09 24.89
CA LEU C 268 17.82 -15.48 25.07
C LEU C 268 18.74 -14.36 24.53
N ARG C 269 18.45 -13.84 23.31
CA ARG C 269 19.24 -12.76 22.72
C ARG C 269 19.35 -11.55 23.65
N THR C 270 18.19 -10.98 24.04
CA THR C 270 18.14 -9.83 24.95
C THR C 270 18.98 -10.10 26.23
N ALA C 271 18.80 -11.31 26.83
CA ALA C 271 19.56 -11.75 28.01
C ALA C 271 21.07 -11.80 27.73
N CYS C 272 21.46 -12.23 26.51
CA CYS C 272 22.87 -12.30 26.09
C CYS C 272 23.48 -10.91 25.91
N GLU C 273 22.72 -9.93 25.39
CA GLU C 273 23.21 -8.55 25.14
C GLU C 273 23.58 -7.86 26.43
N ARG C 274 22.85 -8.17 27.49
CA ARG C 274 22.97 -7.65 28.84
C ARG C 274 24.10 -8.38 29.60
N ALA C 275 24.35 -9.68 29.26
CA ALA C 275 25.40 -10.49 29.89
C ALA C 275 26.76 -10.06 29.30
N LYS C 276 26.76 -9.71 28.00
CA LYS C 276 27.92 -9.23 27.27
C LYS C 276 28.45 -7.98 27.94
N ARG C 277 27.55 -7.02 28.23
CA ARG C 277 27.87 -5.75 28.88
C ARG C 277 28.40 -6.01 30.30
N THR C 278 27.70 -6.88 31.08
CA THR C 278 28.12 -7.27 32.43
C THR C 278 29.57 -7.83 32.44
N LEU C 279 29.96 -8.57 31.38
CA LEU C 279 31.28 -9.19 31.25
C LEU C 279 32.43 -8.23 30.93
N SER C 280 32.11 -6.94 30.67
CA SER C 280 33.13 -5.90 30.44
C SER C 280 33.64 -5.33 31.76
N SER C 281 32.92 -5.58 32.90
CA SER C 281 33.25 -5.12 34.26
C SER C 281 33.27 -6.25 35.30
N SER C 282 32.68 -7.40 34.98
CA SER C 282 32.67 -8.59 35.87
C SER C 282 33.20 -9.78 35.08
N THR C 283 33.89 -10.71 35.75
CA THR C 283 34.47 -11.90 35.09
C THR C 283 33.43 -13.00 34.86
N GLN C 284 32.18 -12.82 35.36
CA GLN C 284 31.08 -13.78 35.23
C GLN C 284 29.71 -13.09 35.13
N ALA C 285 28.76 -13.74 34.45
CA ALA C 285 27.42 -13.21 34.23
C ALA C 285 26.41 -14.30 34.30
N SER C 286 25.43 -14.14 35.20
CA SER C 286 24.33 -15.06 35.43
C SER C 286 23.15 -14.68 34.54
N ILE C 287 22.33 -15.70 34.17
CA ILE C 287 21.16 -15.57 33.32
C ILE C 287 20.07 -16.46 33.91
N GLU C 288 18.86 -15.91 34.07
CA GLU C 288 17.69 -16.70 34.51
C GLU C 288 16.47 -16.39 33.61
N ILE C 289 16.01 -17.39 32.87
CA ILE C 289 14.83 -17.27 31.98
C ILE C 289 13.91 -18.43 32.33
N ASP C 290 12.74 -18.13 32.94
CA ASP C 290 11.70 -19.13 33.31
C ASP C 290 10.86 -19.51 32.11
N SER C 291 10.55 -20.83 31.97
CA SER C 291 9.70 -21.40 30.92
C SER C 291 10.10 -20.87 29.53
N LEU C 292 11.44 -20.80 29.27
CA LEU C 292 12.03 -20.31 28.03
C LEU C 292 11.49 -21.09 26.81
N TYR C 293 11.40 -22.43 26.92
CA TYR C 293 10.96 -23.27 25.82
C TYR C 293 10.37 -24.56 26.38
N GLU C 294 9.09 -24.86 26.03
CA GLU C 294 8.36 -26.05 26.49
C GLU C 294 8.35 -26.15 28.03
N GLY C 295 8.10 -24.99 28.67
CA GLY C 295 8.04 -24.83 30.12
C GLY C 295 9.36 -25.02 30.85
N ILE C 296 10.50 -25.09 30.10
CA ILE C 296 11.83 -25.29 30.68
C ILE C 296 12.48 -23.97 31.10
N ASP C 297 12.83 -23.87 32.39
CA ASP C 297 13.58 -22.76 32.97
C ASP C 297 15.01 -22.94 32.53
N PHE C 298 15.67 -21.82 32.23
CA PHE C 298 17.06 -21.78 31.81
C PHE C 298 17.82 -20.86 32.73
N TYR C 299 18.49 -21.43 33.74
CA TYR C 299 19.34 -20.69 34.68
C TYR C 299 20.74 -21.09 34.30
N THR C 300 21.46 -20.15 33.74
CA THR C 300 22.82 -20.43 33.29
C THR C 300 23.75 -19.30 33.69
N SER C 301 25.02 -19.42 33.29
CA SER C 301 26.06 -18.44 33.54
C SER C 301 27.13 -18.57 32.48
N ILE C 302 27.84 -17.46 32.23
CA ILE C 302 28.93 -17.36 31.27
C ILE C 302 30.10 -16.53 31.85
N THR C 303 31.28 -17.12 31.88
CA THR C 303 32.46 -16.43 32.35
C THR C 303 33.01 -15.55 31.19
N ARG C 304 33.87 -14.60 31.54
CA ARG C 304 34.52 -13.74 30.58
C ARG C 304 35.45 -14.57 29.68
N ALA C 305 36.11 -15.59 30.25
CA ALA C 305 37.05 -16.41 29.49
C ALA C 305 36.32 -17.18 28.39
N ARG C 306 35.14 -17.71 28.71
CA ARG C 306 34.26 -18.43 27.76
C ARG C 306 33.76 -17.49 26.64
N PHE C 307 33.24 -16.31 27.00
CA PHE C 307 32.78 -15.29 26.05
C PHE C 307 33.92 -14.91 25.04
N GLU C 308 35.14 -14.86 25.53
CA GLU C 308 36.34 -14.54 24.75
C GLU C 308 36.72 -15.65 23.79
N GLU C 309 36.46 -16.92 24.18
CA GLU C 309 36.74 -18.12 23.38
C GLU C 309 35.81 -18.25 22.20
N LEU C 310 34.49 -17.97 22.41
CA LEU C 310 33.46 -18.03 21.35
C LEU C 310 33.67 -16.90 20.31
N ASN C 311 34.31 -15.79 20.73
CA ASN C 311 34.55 -14.60 19.89
C ASN C 311 35.98 -14.40 19.42
N ALA C 312 36.92 -15.23 19.92
CA ALA C 312 38.37 -15.23 19.66
C ALA C 312 38.78 -14.80 18.26
N ASP C 313 38.16 -15.39 17.20
CA ASP C 313 38.49 -15.12 15.78
C ASP C 313 38.14 -13.73 15.34
N LEU C 314 36.97 -13.27 15.77
CA LEU C 314 36.47 -11.94 15.52
C LEU C 314 37.29 -10.91 16.28
N PHE C 315 37.62 -11.23 17.53
CA PHE C 315 38.41 -10.34 18.37
C PHE C 315 39.81 -10.18 17.82
N ARG C 316 40.43 -11.30 17.45
CA ARG C 316 41.78 -11.28 16.90
C ARG C 316 41.74 -10.57 15.56
N GLY C 317 40.74 -10.90 14.77
CA GLY C 317 40.53 -10.27 13.47
C GLY C 317 40.65 -8.76 13.40
N THR C 318 40.27 -8.03 14.49
CA THR C 318 40.29 -6.55 14.53
C THR C 318 41.70 -5.95 14.29
N LEU C 319 42.79 -6.73 14.56
CA LEU C 319 44.21 -6.33 14.36
C LEU C 319 44.66 -6.37 12.88
N ASP C 320 43.96 -7.12 12.03
CA ASP C 320 44.33 -7.16 10.62
C ASP C 320 44.12 -5.79 9.99
N PRO C 321 42.98 -5.17 10.25
CA PRO C 321 42.73 -3.83 9.72
C PRO C 321 43.75 -2.86 10.32
N VAL C 322 44.12 -3.06 11.58
CA VAL C 322 45.12 -2.23 12.23
C VAL C 322 46.46 -2.40 11.53
N GLU C 323 46.79 -3.66 11.19
CA GLU C 323 48.00 -3.98 10.45
C GLU C 323 47.96 -3.34 9.06
N LYS C 324 46.80 -3.42 8.38
CA LYS C 324 46.58 -2.86 7.05
C LYS C 324 46.65 -1.33 7.01
N ALA C 325 45.98 -0.64 7.95
CA ALA C 325 45.99 0.83 8.03
C ALA C 325 47.43 1.35 8.19
N LEU C 326 48.27 0.65 9.00
CA LEU C 326 49.68 1.03 9.20
C LEU C 326 50.46 0.87 7.89
N ARG C 327 50.19 -0.22 7.16
CA ARG C 327 50.79 -0.54 5.86
C ARG C 327 50.53 0.63 4.90
N ASP C 328 49.23 1.00 4.76
CA ASP C 328 48.71 2.04 3.89
C ASP C 328 49.19 3.45 4.22
N ALA C 329 49.43 3.77 5.50
CA ALA C 329 49.91 5.10 5.92
C ALA C 329 51.45 5.15 5.94
N LYS C 330 52.12 4.01 5.61
CA LYS C 330 53.58 3.81 5.57
C LYS C 330 54.23 4.11 6.94
N LEU C 331 53.66 3.51 8.00
CA LEU C 331 54.13 3.69 9.38
C LEU C 331 54.36 2.38 10.10
N ASP C 332 55.23 2.41 11.11
CA ASP C 332 55.50 1.27 11.99
C ASP C 332 54.57 1.44 13.18
N LYS C 333 54.22 0.34 13.88
CA LYS C 333 53.34 0.44 15.05
C LYS C 333 53.94 1.31 16.14
N SER C 334 55.29 1.43 16.14
CA SER C 334 56.10 2.24 17.06
C SER C 334 55.97 3.74 16.79
N GLN C 335 55.62 4.11 15.54
CA GLN C 335 55.47 5.50 15.08
C GLN C 335 54.10 6.15 15.45
N ILE C 336 53.17 5.39 16.07
CA ILE C 336 51.85 5.87 16.54
C ILE C 336 52.03 6.51 17.93
N HIS C 337 51.67 7.78 18.07
CA HIS C 337 51.79 8.51 19.34
C HIS C 337 50.57 8.40 20.26
N ASP C 338 49.40 8.16 19.68
CA ASP C 338 48.13 8.06 20.42
C ASP C 338 47.14 7.08 19.83
N ILE C 339 46.53 6.23 20.68
CA ILE C 339 45.51 5.24 20.28
C ILE C 339 44.19 5.61 20.98
N VAL C 340 43.09 5.77 20.23
CA VAL C 340 41.78 6.14 20.79
C VAL C 340 40.75 5.03 20.57
N LEU C 341 39.99 4.68 21.64
CA LEU C 341 38.91 3.71 21.53
C LEU C 341 37.57 4.46 21.48
N VAL C 342 36.78 4.18 20.44
CA VAL C 342 35.45 4.75 20.16
C VAL C 342 34.54 3.57 19.82
N GLY C 343 33.25 3.69 20.12
CA GLY C 343 32.29 2.62 19.90
C GLY C 343 32.15 1.73 21.11
N GLY C 344 30.90 1.36 21.41
CA GLY C 344 30.52 0.56 22.57
C GLY C 344 31.30 -0.71 22.78
N SER C 345 31.55 -1.48 21.72
CA SER C 345 32.30 -2.76 21.78
C SER C 345 33.77 -2.63 22.23
N THR C 346 34.34 -1.41 22.30
CA THR C 346 35.74 -1.23 22.76
C THR C 346 35.83 -1.29 24.30
N ARG C 347 34.67 -1.46 24.97
CA ARG C 347 34.59 -1.64 26.42
C ARG C 347 35.01 -3.07 26.75
N ILE C 348 35.08 -3.94 25.75
CA ILE C 348 35.47 -5.31 26.02
C ILE C 348 36.95 -5.33 26.39
N PRO C 349 37.26 -5.98 27.50
CA PRO C 349 38.66 -6.04 27.97
C PRO C 349 39.62 -6.69 26.99
N LYS C 350 39.27 -7.86 26.39
CA LYS C 350 40.09 -8.60 25.42
C LYS C 350 40.44 -7.75 24.19
N ILE C 351 39.51 -6.90 23.76
CA ILE C 351 39.76 -6.01 22.61
C ILE C 351 40.80 -4.98 23.03
N GLN C 352 40.68 -4.40 24.23
CA GLN C 352 41.63 -3.43 24.79
C GLN C 352 43.00 -4.11 25.02
N LYS C 353 42.99 -5.38 25.52
CA LYS C 353 44.19 -6.20 25.77
C LYS C 353 44.92 -6.54 24.46
N LEU C 354 44.22 -7.06 23.43
CA LEU C 354 44.81 -7.44 22.14
C LEU C 354 45.46 -6.24 21.47
N LEU C 355 44.79 -5.09 21.53
CA LEU C 355 45.26 -3.84 20.97
C LEU C 355 46.47 -3.26 21.72
N GLN C 356 46.46 -3.31 23.06
CA GLN C 356 47.56 -2.81 23.86
C GLN C 356 48.77 -3.77 23.85
N ASP C 357 48.55 -5.10 23.68
CA ASP C 357 49.66 -6.05 23.57
C ASP C 357 50.31 -5.84 22.21
N PHE C 358 49.50 -5.43 21.20
CA PHE C 358 49.96 -5.13 19.84
C PHE C 358 50.90 -3.92 19.88
N PHE C 359 50.49 -2.81 20.54
CA PHE C 359 51.32 -1.61 20.61
C PHE C 359 52.35 -1.63 21.75
N ASN C 360 52.79 -2.84 22.12
CA ASN C 360 53.81 -3.17 23.15
C ASN C 360 53.56 -2.50 24.52
N GLY C 361 52.30 -2.48 24.94
CA GLY C 361 51.91 -1.96 26.25
C GLY C 361 51.56 -0.48 26.34
N LYS C 362 51.29 0.16 25.18
CA LYS C 362 50.95 1.58 25.10
C LYS C 362 49.56 1.91 25.64
N GLU C 363 49.50 2.89 26.57
CA GLU C 363 48.26 3.35 27.18
C GLU C 363 47.31 3.79 26.09
N LEU C 364 46.02 3.44 26.28
CA LEU C 364 44.96 3.77 25.35
C LEU C 364 44.11 4.87 25.95
N ASN C 365 43.51 5.69 25.09
CA ASN C 365 42.62 6.76 25.51
C ASN C 365 41.20 6.18 25.54
N LYS C 366 40.69 5.91 26.74
CA LYS C 366 39.36 5.32 26.90
C LYS C 366 38.39 5.94 27.93
N SER C 367 38.82 6.99 28.61
CA SER C 367 38.03 7.62 29.66
C SER C 367 36.67 8.19 29.27
N ILE C 368 36.61 8.76 28.07
CA ILE C 368 35.41 9.39 27.50
C ILE C 368 34.55 8.25 26.96
N ASN C 369 33.26 8.22 27.28
CA ASN C 369 32.42 7.13 26.83
C ASN C 369 32.58 6.93 25.31
N PRO C 370 32.84 5.71 24.90
CA PRO C 370 33.07 5.38 23.48
C PRO C 370 31.90 5.74 22.56
N ASP C 371 30.68 5.54 23.06
CA ASP C 371 29.46 5.83 22.35
C ASP C 371 29.22 7.33 22.15
N GLU C 372 29.77 8.14 23.04
CA GLU C 372 29.55 9.58 23.05
C GLU C 372 30.72 10.41 22.57
N ALA C 373 31.95 9.81 22.53
CA ALA C 373 33.22 10.44 22.13
C ALA C 373 33.13 11.27 20.85
N VAL C 374 32.48 10.74 19.79
CA VAL C 374 32.31 11.41 18.49
C VAL C 374 31.48 12.71 18.62
N ALA C 375 30.31 12.66 19.33
CA ALA C 375 29.46 13.83 19.56
C ALA C 375 30.13 14.79 20.52
N TYR C 376 30.96 14.26 21.45
CA TYR C 376 31.74 15.03 22.42
C TYR C 376 32.69 15.94 21.68
N GLY C 377 33.45 15.39 20.72
CA GLY C 377 34.41 16.12 19.89
C GLY C 377 33.72 17.12 18.99
N ALA C 378 32.58 16.68 18.37
CA ALA C 378 31.71 17.46 17.48
C ALA C 378 31.20 18.71 18.17
N ALA C 379 30.73 18.59 19.46
CA ALA C 379 30.24 19.69 20.32
C ALA C 379 31.35 20.67 20.62
N VAL C 380 32.57 20.17 21.00
CA VAL C 380 33.79 20.98 21.26
C VAL C 380 34.08 21.83 20.03
N GLN C 381 34.03 21.21 18.85
CA GLN C 381 34.25 21.89 17.57
C GLN C 381 33.16 22.93 17.28
N ALA C 382 31.91 22.57 17.58
CA ALA C 382 30.74 23.46 17.42
C ALA C 382 30.87 24.74 18.25
N ALA C 383 31.43 24.62 19.45
CA ALA C 383 31.69 25.77 20.31
C ALA C 383 32.81 26.66 19.72
N ILE C 384 33.83 26.00 19.20
CA ILE C 384 34.99 26.67 18.60
C ILE C 384 34.61 27.49 17.39
N LEU C 385 33.70 26.97 16.59
CA LEU C 385 33.26 27.63 15.37
C LEU C 385 32.13 28.63 15.61
N SER C 386 31.72 28.76 16.88
CA SER C 386 30.62 29.66 17.25
C SER C 386 31.08 31.11 17.19
N SER D 5 12.32 -16.44 57.79
CA SER D 5 13.49 -16.13 56.98
C SER D 5 13.16 -15.33 55.72
N ASN D 6 12.83 -14.05 55.89
CA ASN D 6 12.45 -13.11 54.84
C ASN D 6 13.29 -11.85 55.01
N SER D 7 14.20 -11.61 54.07
CA SER D 7 15.10 -10.46 54.12
C SER D 7 14.49 -9.16 53.56
N PRO D 8 14.88 -7.95 54.09
CA PRO D 8 14.38 -6.67 53.51
C PRO D 8 14.75 -6.42 52.02
N GLN D 9 15.74 -7.16 51.48
CA GLN D 9 16.16 -7.05 50.08
C GLN D 9 15.14 -7.76 49.17
N GLU D 10 14.44 -8.77 49.71
CA GLU D 10 13.39 -9.47 48.96
C GLU D 10 12.23 -8.51 48.71
N GLU D 11 11.97 -7.60 49.66
CA GLU D 11 10.92 -6.59 49.56
C GLU D 11 11.09 -5.74 48.28
N VAL D 12 12.36 -5.40 47.95
CA VAL D 12 12.75 -4.64 46.75
C VAL D 12 12.39 -5.44 45.49
N GLU D 13 12.71 -6.76 45.47
CA GLU D 13 12.42 -7.65 44.33
C GLU D 13 10.93 -7.94 44.17
N LEU D 14 10.20 -8.10 45.29
CA LEU D 14 8.77 -8.39 45.31
C LEU D 14 7.96 -7.21 44.77
N LYS D 15 8.42 -5.98 45.06
CA LYS D 15 7.79 -4.74 44.62
C LYS D 15 7.94 -4.58 43.10
N LYS D 16 9.07 -5.06 42.52
CA LYS D 16 9.32 -5.02 41.06
C LYS D 16 8.29 -5.94 40.35
N LEU D 17 8.11 -7.17 40.89
CA LEU D 17 7.15 -8.17 40.39
C LEU D 17 5.70 -7.66 40.52
N LYS D 18 5.38 -6.92 41.60
CA LYS D 18 4.03 -6.34 41.75
C LYS D 18 3.75 -5.28 40.67
N HIS D 19 4.78 -4.49 40.36
CA HIS D 19 4.70 -3.47 39.31
C HIS D 19 4.52 -4.09 37.92
N LEU D 20 5.25 -5.17 37.64
CA LEU D 20 5.14 -5.89 36.39
C LEU D 20 3.78 -6.60 36.27
N GLU D 21 3.25 -7.10 37.40
CA GLU D 21 1.93 -7.72 37.45
C GLU D 21 0.83 -6.72 37.09
N LYS D 22 0.96 -5.50 37.60
CA LYS D 22 0.06 -4.39 37.35
C LYS D 22 0.11 -4.02 35.89
N SER D 23 1.33 -3.98 35.34
CA SER D 23 1.62 -3.67 33.94
C SER D 23 0.99 -4.73 33.04
N VAL D 24 1.03 -6.00 33.44
CA VAL D 24 0.39 -7.09 32.69
C VAL D 24 -1.16 -7.01 32.72
N GLU D 25 -1.74 -6.69 33.87
CA GLU D 25 -3.20 -6.57 34.01
C GLU D 25 -3.76 -5.51 33.04
N LYS D 26 -3.08 -4.35 32.92
CA LYS D 26 -3.44 -3.27 32.00
C LYS D 26 -3.34 -3.69 30.52
N ILE D 27 -2.46 -4.68 30.20
CA ILE D 27 -2.32 -5.26 28.85
C ILE D 27 -3.37 -6.38 28.65
N ALA D 28 -3.70 -7.08 29.74
CA ALA D 28 -4.71 -8.12 29.71
C ALA D 28 -6.02 -7.44 29.37
N ASP D 29 -6.22 -6.25 29.93
CA ASP D 29 -7.41 -5.46 29.69
C ASP D 29 -7.50 -5.13 28.20
N GLN D 30 -6.36 -4.76 27.61
CA GLN D 30 -6.26 -4.41 26.20
C GLN D 30 -6.58 -5.61 25.30
N LEU D 31 -6.11 -6.77 25.71
CA LEU D 31 -6.29 -8.03 24.98
C LEU D 31 -7.77 -8.38 25.02
N GLU D 32 -8.38 -8.27 26.23
CA GLU D 32 -9.79 -8.48 26.53
C GLU D 32 -10.66 -7.62 25.61
N GLU D 33 -10.29 -6.34 25.40
CA GLU D 33 -11.04 -5.40 24.58
C GLU D 33 -10.98 -5.78 23.08
N LEU D 34 -9.82 -6.28 22.65
CA LEU D 34 -9.60 -6.76 21.28
C LEU D 34 -10.48 -8.01 21.01
N ASN D 35 -10.61 -8.89 22.03
CA ASN D 35 -11.42 -10.10 22.05
C ASN D 35 -12.90 -9.76 21.91
N LYS D 36 -13.38 -8.73 22.66
CA LYS D 36 -14.77 -8.24 22.63
C LYS D 36 -15.15 -7.78 21.21
N GLU D 37 -14.17 -7.21 20.49
CA GLU D 37 -14.29 -6.77 19.10
C GLU D 37 -14.15 -7.95 18.12
N LEU D 38 -13.22 -8.93 18.38
CA LEU D 38 -13.05 -10.13 17.55
C LEU D 38 -14.37 -10.92 17.50
N THR D 39 -15.06 -11.01 18.66
CA THR D 39 -16.38 -11.65 18.76
C THR D 39 -17.45 -10.68 18.18
N GLY D 40 -17.29 -9.38 18.47
CA GLY D 40 -18.17 -8.31 18.02
C GLY D 40 -18.02 -7.81 16.59
N ILE D 41 -17.21 -8.51 15.76
CA ILE D 41 -17.05 -8.23 14.32
C ILE D 41 -17.61 -9.47 13.60
N GLN D 42 -17.19 -10.67 14.07
CA GLN D 42 -17.63 -11.98 13.59
C GLN D 42 -19.15 -12.12 13.73
N GLN D 43 -19.69 -11.84 14.94
CA GLN D 43 -21.11 -11.90 15.27
C GLN D 43 -21.77 -10.49 15.24
N GLY D 44 -21.12 -9.56 14.52
CA GLY D 44 -21.58 -8.18 14.40
C GLY D 44 -22.65 -7.93 13.37
N PHE D 45 -23.08 -6.65 13.26
CA PHE D 45 -24.10 -6.17 12.33
C PHE D 45 -23.54 -5.84 10.94
N LEU D 46 -22.21 -5.96 10.76
CA LEU D 46 -21.53 -5.72 9.47
C LEU D 46 -21.85 -6.80 8.43
N PRO D 47 -21.92 -6.46 7.10
CA PRO D 47 -22.19 -7.50 6.10
C PRO D 47 -21.02 -8.48 6.00
N LYS D 48 -21.30 -9.75 5.74
CA LYS D 48 -20.23 -10.74 5.75
C LYS D 48 -19.01 -10.41 4.90
N ASP D 49 -19.18 -9.77 3.74
CA ASP D 49 -18.01 -9.45 2.93
C ASP D 49 -17.03 -8.49 3.63
N LEU D 50 -17.55 -7.44 4.25
CA LEU D 50 -16.73 -6.42 4.94
C LEU D 50 -15.97 -6.89 6.20
N GLN D 51 -16.62 -7.73 6.98
CA GLN D 51 -16.09 -8.26 8.23
C GLN D 51 -14.60 -8.52 8.16
N ALA D 52 -14.14 -9.12 7.03
CA ALA D 52 -12.74 -9.45 6.74
C ALA D 52 -11.81 -8.23 6.75
N GLU D 53 -12.33 -7.05 6.34
CA GLU D 53 -11.58 -5.80 6.31
C GLU D 53 -11.37 -5.28 7.75
N ALA D 54 -12.48 -5.28 8.55
CA ALA D 54 -12.49 -4.84 9.96
C ALA D 54 -11.66 -5.79 10.84
N LEU D 55 -11.75 -7.12 10.61
CA LEU D 55 -10.97 -8.12 11.34
C LEU D 55 -9.46 -7.88 11.16
N CYS D 56 -9.04 -7.57 9.91
CA CYS D 56 -7.65 -7.29 9.58
C CYS D 56 -7.18 -5.91 10.09
N LYS D 57 -8.13 -5.00 10.44
CA LYS D 57 -7.83 -3.68 11.00
C LYS D 57 -7.28 -3.81 12.44
N LEU D 58 -7.65 -4.92 13.12
CA LEU D 58 -7.25 -5.24 14.49
C LEU D 58 -5.79 -5.70 14.58
N ASP D 59 -5.22 -6.24 13.47
CA ASP D 59 -3.84 -6.75 13.34
C ASP D 59 -2.78 -5.86 14.02
N ARG D 60 -2.82 -4.55 13.71
CA ARG D 60 -1.90 -3.57 14.27
C ARG D 60 -1.98 -3.54 15.81
N ARG D 61 -3.18 -3.65 16.38
CA ARG D 61 -3.45 -3.62 17.83
C ARG D 61 -3.05 -4.92 18.54
N VAL D 62 -3.30 -6.09 17.89
CA VAL D 62 -2.93 -7.40 18.44
C VAL D 62 -1.39 -7.50 18.48
N LYS D 63 -0.72 -7.07 17.38
CA LYS D 63 0.73 -7.05 17.28
C LYS D 63 1.36 -6.20 18.38
N ALA D 64 0.73 -5.05 18.69
CA ALA D 64 1.16 -4.16 19.76
C ALA D 64 0.97 -4.85 21.12
N THR D 65 -0.11 -5.67 21.26
CA THR D 65 -0.41 -6.39 22.52
C THR D 65 0.63 -7.49 22.73
N ILE D 66 0.95 -8.29 21.67
CA ILE D 66 1.98 -9.33 21.70
C ILE D 66 3.33 -8.72 22.12
N GLU D 67 3.69 -7.59 21.49
CA GLU D 67 4.96 -6.88 21.68
C GLU D 67 5.15 -6.34 23.09
N GLN D 68 4.06 -5.82 23.67
CA GLN D 68 4.04 -5.25 25.02
C GLN D 68 4.26 -6.33 26.06
N PHE D 69 3.70 -7.55 25.79
CA PHE D 69 3.88 -8.73 26.63
C PHE D 69 5.35 -9.20 26.56
N MET D 70 5.93 -9.19 25.34
CA MET D 70 7.32 -9.57 25.11
C MET D 70 8.27 -8.68 25.92
N LYS D 71 8.06 -7.35 25.91
CA LYS D 71 8.86 -6.37 26.69
C LYS D 71 8.69 -6.55 28.22
N ILE D 72 7.56 -7.11 28.65
CA ILE D 72 7.32 -7.47 30.05
C ILE D 72 8.18 -8.69 30.43
N LEU D 73 8.20 -9.68 29.54
CA LEU D 73 9.02 -10.89 29.68
C LEU D 73 10.47 -10.56 29.72
N GLU D 74 10.95 -9.64 28.85
CA GLU D 74 12.37 -9.28 28.82
C GLU D 74 12.79 -8.55 30.08
N GLU D 75 11.85 -7.85 30.70
CA GLU D 75 12.03 -7.14 31.97
C GLU D 75 12.16 -8.16 33.11
N ILE D 76 11.30 -9.17 33.14
CA ILE D 76 11.35 -10.20 34.16
C ILE D 76 12.67 -11.00 34.12
N ASP D 77 13.17 -11.22 32.91
CA ASP D 77 14.41 -11.96 32.64
C ASP D 77 15.69 -11.22 33.08
N THR D 78 15.56 -9.94 33.53
CA THR D 78 16.73 -9.15 34.01
C THR D 78 16.96 -9.44 35.48
N LEU D 79 15.96 -10.03 36.15
CA LEU D 79 16.01 -10.38 37.57
C LEU D 79 16.84 -11.66 37.79
N ILE D 80 17.63 -11.63 38.86
CA ILE D 80 18.42 -12.75 39.32
C ILE D 80 17.84 -12.88 40.70
N LEU D 81 17.31 -14.05 41.01
CA LEU D 81 16.68 -14.25 42.30
C LEU D 81 17.33 -15.36 43.11
N PRO D 82 18.05 -15.00 44.22
CA PRO D 82 18.69 -16.02 45.06
C PRO D 82 17.73 -17.10 45.53
N GLU D 83 18.23 -18.34 45.73
CA GLU D 83 17.49 -19.52 46.18
C GLU D 83 16.54 -19.16 47.32
N ASN D 84 17.05 -18.53 48.39
CA ASN D 84 16.29 -18.11 49.59
C ASN D 84 15.13 -17.11 49.32
N PHE D 85 15.12 -16.45 48.16
CA PHE D 85 14.04 -15.54 47.75
C PHE D 85 12.93 -16.39 47.10
N LYS D 86 12.41 -17.38 47.86
CA LYS D 86 11.39 -18.32 47.42
C LYS D 86 10.05 -17.66 47.06
N ASP D 87 9.70 -16.54 47.74
CA ASP D 87 8.44 -15.85 47.47
C ASP D 87 8.47 -15.18 46.10
N SER D 88 9.60 -14.49 45.81
CA SER D 88 9.91 -13.78 44.57
C SER D 88 10.03 -14.74 43.40
N ARG D 89 10.67 -15.91 43.63
CA ARG D 89 10.85 -17.00 42.66
C ARG D 89 9.51 -17.64 42.25
N LEU D 90 8.50 -17.63 43.13
CA LEU D 90 7.17 -18.18 42.83
C LEU D 90 6.31 -17.13 42.04
N LYS D 91 6.45 -15.82 42.39
CA LYS D 91 5.76 -14.71 41.72
C LYS D 91 6.24 -14.62 40.27
N ARG D 92 7.58 -14.67 40.06
CA ARG D 92 8.25 -14.66 38.75
C ARG D 92 7.74 -15.81 37.85
N LYS D 93 7.65 -17.05 38.38
CA LYS D 93 7.15 -18.20 37.63
C LYS D 93 5.66 -18.08 37.26
N GLY D 94 4.84 -17.59 38.19
CA GLY D 94 3.41 -17.37 38.01
C GLY D 94 3.10 -16.28 36.99
N LEU D 95 3.89 -15.17 36.97
CA LEU D 95 3.72 -14.05 36.05
C LEU D 95 4.10 -14.44 34.62
N VAL D 96 5.25 -15.12 34.42
CA VAL D 96 5.73 -15.62 33.12
C VAL D 96 4.71 -16.60 32.50
N LYS D 97 4.28 -17.61 33.26
CA LYS D 97 3.32 -18.59 32.80
C LYS D 97 2.00 -17.92 32.38
N LYS D 98 1.58 -16.91 33.15
CA LYS D 98 0.36 -16.14 32.92
C LYS D 98 0.48 -15.31 31.62
N VAL D 99 1.60 -14.60 31.43
CA VAL D 99 1.89 -13.84 30.19
C VAL D 99 1.94 -14.82 29.03
N GLN D 100 2.63 -15.97 29.21
CA GLN D 100 2.67 -17.01 28.18
C GLN D 100 1.25 -17.46 27.80
N ALA D 101 0.32 -17.60 28.79
CA ALA D 101 -1.08 -17.96 28.52
C ALA D 101 -1.78 -16.85 27.72
N PHE D 102 -1.52 -15.56 28.03
CA PHE D 102 -2.07 -14.41 27.27
C PHE D 102 -1.50 -14.36 25.86
N LEU D 103 -0.18 -14.59 25.72
CA LEU D 103 0.49 -14.61 24.42
C LEU D 103 -0.13 -15.65 23.51
N ALA D 104 -0.47 -16.86 24.03
CA ALA D 104 -1.11 -17.93 23.27
C ALA D 104 -2.52 -17.50 22.83
N GLU D 105 -3.19 -16.64 23.64
CA GLU D 105 -4.50 -16.07 23.34
C GLU D 105 -4.38 -15.05 22.19
N CYS D 106 -3.27 -14.26 22.17
CA CYS D 106 -3.00 -13.28 21.10
C CYS D 106 -2.72 -14.05 19.81
N ASP D 107 -2.12 -15.27 19.93
CA ASP D 107 -1.82 -16.13 18.79
C ASP D 107 -3.10 -16.77 18.28
N THR D 108 -4.12 -16.84 19.15
CA THR D 108 -5.43 -17.34 18.79
C THR D 108 -6.12 -16.28 17.93
N VAL D 109 -5.98 -14.98 18.28
CA VAL D 109 -6.57 -13.84 17.55
C VAL D 109 -5.91 -13.67 16.17
N GLU D 110 -4.57 -13.69 16.13
CA GLU D 110 -3.71 -13.56 14.95
C GLU D 110 -3.91 -14.67 13.92
N GLN D 111 -4.58 -15.80 14.31
CA GLN D 111 -4.91 -16.95 13.48
C GLN D 111 -6.39 -16.91 13.01
N ASN D 112 -7.09 -15.81 13.34
CA ASN D 112 -8.50 -15.56 13.04
C ASN D 112 -8.74 -14.25 12.28
N ILE D 113 -7.65 -13.56 11.91
CA ILE D 113 -7.65 -12.28 11.19
C ILE D 113 -6.59 -12.36 10.09
N CYS D 114 -6.73 -11.57 8.99
CA CYS D 114 -5.80 -11.46 7.84
C CYS D 114 -5.39 -12.82 7.20
N GLN D 115 -6.18 -13.90 7.43
CA GLN D 115 -5.91 -15.26 6.92
C GLN D 115 -6.38 -15.39 5.48
#